data_9GES
#
_entry.id   9GES
#
_cell.length_a   53.198
_cell.length_b   73.857
_cell.length_c   124.032
_cell.angle_alpha   90.000
_cell.angle_beta   99.276
_cell.angle_gamma   90.000
#
_symmetry.space_group_name_H-M   'P 1 21 1'
#
loop_
_entity.id
_entity.type
_entity.pdbx_description
1 polymer 'E3 ubiquitin-protein ligase CCNB1IP1'
2 non-polymer 'ZINC ION'
#
_entity_poly.entity_id   1
_entity_poly.type   'polypeptide(L)'
_entity_poly.pdbx_seq_one_letter_code
;GSMSLCEDMLLCNYRKCRIKLSGYAWVTACSHIFCDQHGSGEFSRSPAICPACNSTLSGKLDIVRTELSPSEEYKAMVLA
GLRPEIVLDISSRALAFWTYQVHQERLYQEYNFSKAEGHLKQMEKIYTQQIQSKDVELTSMKGEVTSMKKVLEEYKKKFS
DISEKLMERNRQYQKLQGLYDSLRLRNITIANHEGTLE
;
_entity_poly.pdbx_strand_id   A,B,C,D
#
loop_
_chem_comp.id
_chem_comp.type
_chem_comp.name
_chem_comp.formula
ZN non-polymer 'ZINC ION' 'Zn 2'
#
# COMPACT_ATOMS: atom_id res chain seq x y z
N LEU A 10 -3.14 -10.46 -17.92
CA LEU A 10 -2.82 -9.51 -18.98
C LEU A 10 -2.92 -10.15 -20.35
N LEU A 11 -3.00 -9.31 -21.37
CA LEU A 11 -3.11 -9.76 -22.75
C LEU A 11 -2.08 -9.03 -23.60
N CYS A 12 -1.65 -9.70 -24.67
CA CYS A 12 -0.71 -9.09 -25.60
C CYS A 12 -1.34 -7.85 -26.23
N ASN A 13 -0.58 -6.75 -26.25
CA ASN A 13 -1.08 -5.50 -26.80
C ASN A 13 -0.95 -5.44 -28.32
N TYR A 14 -0.35 -6.45 -28.94
CA TYR A 14 -0.40 -6.55 -30.40
C TYR A 14 -1.82 -6.91 -30.82
N ARG A 15 -2.34 -6.17 -31.80
CA ARG A 15 -3.76 -6.29 -32.15
C ARG A 15 -4.12 -7.68 -32.65
N LYS A 16 -3.19 -8.36 -33.32
CA LYS A 16 -3.47 -9.66 -33.91
C LYS A 16 -3.17 -10.83 -32.98
N CYS A 17 -2.71 -10.58 -31.75
CA CYS A 17 -2.37 -11.65 -30.82
C CYS A 17 -3.30 -11.69 -29.62
N ARG A 18 -3.33 -10.60 -28.84
CA ARG A 18 -4.16 -10.47 -27.63
C ARG A 18 -4.26 -11.79 -26.85
N ILE A 19 -3.11 -12.40 -26.60
CA ILE A 19 -3.04 -13.67 -25.90
C ILE A 19 -2.69 -13.40 -24.44
N LYS A 20 -3.17 -14.29 -23.56
CA LYS A 20 -2.84 -14.19 -22.14
C LYS A 20 -1.33 -14.32 -21.95
N LEU A 21 -0.78 -13.46 -21.11
CA LEU A 21 0.67 -13.35 -20.96
C LEU A 21 1.12 -14.13 -19.72
N SER A 22 2.03 -15.08 -19.93
CA SER A 22 2.63 -15.84 -18.85
C SER A 22 4.11 -16.00 -19.12
N GLY A 23 4.89 -16.09 -18.05
CA GLY A 23 6.34 -16.22 -18.17
C GLY A 23 7.02 -14.91 -18.51
N TYR A 24 7.56 -14.81 -19.72
CA TYR A 24 8.28 -13.61 -20.15
C TYR A 24 7.36 -12.69 -20.94
N ALA A 25 7.49 -11.39 -20.68
CA ALA A 25 6.74 -10.37 -21.41
C ALA A 25 7.63 -9.15 -21.59
N TRP A 26 7.29 -8.34 -22.58
CA TRP A 26 8.03 -7.13 -22.90
C TRP A 26 7.16 -5.92 -22.56
N VAL A 27 7.61 -5.11 -21.61
CA VAL A 27 6.86 -3.96 -21.13
C VAL A 27 7.51 -2.69 -21.65
N THR A 28 6.67 -1.73 -22.03
CA THR A 28 7.14 -0.49 -22.63
C THR A 28 6.88 0.69 -21.70
N ALA A 29 7.67 1.76 -21.88
CA ALA A 29 7.49 2.98 -21.12
C ALA A 29 6.18 3.67 -21.46
N CYS A 30 5.58 3.37 -22.60
CA CYS A 30 4.29 3.92 -23.00
C CYS A 30 3.13 3.08 -22.47
N SER A 31 3.34 2.30 -21.41
CA SER A 31 2.29 1.54 -20.73
C SER A 31 1.65 0.50 -21.67
N HIS A 32 2.52 -0.31 -22.27
CA HIS A 32 2.06 -1.43 -23.09
C HIS A 32 2.91 -2.65 -22.78
N ILE A 33 2.34 -3.83 -23.01
CA ILE A 33 2.99 -5.10 -22.72
C ILE A 33 2.67 -6.09 -23.83
N PHE A 34 3.66 -6.87 -24.24
CA PHE A 34 3.52 -7.79 -25.36
C PHE A 34 4.08 -9.16 -24.97
N CYS A 35 3.64 -10.18 -25.72
CA CYS A 35 4.09 -11.53 -25.46
C CYS A 35 5.56 -11.68 -25.81
N ASP A 36 6.12 -12.85 -25.45
CA ASP A 36 7.54 -13.10 -25.66
C ASP A 36 7.89 -13.12 -27.15
N GLN A 37 7.07 -13.76 -27.97
CA GLN A 37 7.37 -13.88 -29.40
C GLN A 37 7.30 -12.52 -30.09
N HIS A 38 6.21 -11.78 -29.88
CA HIS A 38 6.06 -10.48 -30.52
C HIS A 38 7.02 -9.45 -29.93
N GLY A 39 7.23 -9.50 -28.62
CA GLY A 39 8.15 -8.56 -27.99
C GLY A 39 9.58 -8.75 -28.45
N SER A 40 10.03 -10.00 -28.53
CA SER A 40 11.38 -10.27 -29.00
C SER A 40 11.56 -9.85 -30.45
N GLY A 41 10.56 -10.13 -31.30
CA GLY A 41 10.67 -9.78 -32.70
C GLY A 41 10.67 -8.28 -32.95
N GLU A 42 9.83 -7.54 -32.21
CA GLU A 42 9.67 -6.11 -32.45
C GLU A 42 10.70 -5.26 -31.71
N PHE A 43 11.01 -5.60 -30.45
CA PHE A 43 11.85 -4.76 -29.61
C PHE A 43 13.30 -5.22 -29.57
N SER A 44 13.74 -5.97 -30.58
CA SER A 44 15.16 -6.26 -30.76
C SER A 44 15.75 -5.50 -31.95
N ARG A 45 14.92 -4.77 -32.69
CA ARG A 45 15.38 -4.02 -33.87
C ARG A 45 15.92 -2.67 -33.45
N SER A 46 16.87 -2.16 -34.24
CA SER A 46 17.36 -0.81 -34.01
C SER A 46 16.25 0.23 -34.15
N PRO A 47 15.40 0.21 -35.20
CA PRO A 47 14.16 1.02 -35.15
C PRO A 47 13.10 0.27 -34.36
N ALA A 48 12.80 0.78 -33.16
CA ALA A 48 11.85 0.15 -32.25
C ALA A 48 10.60 1.02 -32.16
N ILE A 49 9.50 0.51 -32.70
CA ILE A 49 8.21 1.20 -32.69
C ILE A 49 7.20 0.33 -31.96
N CYS A 50 6.51 0.90 -30.99
CA CYS A 50 5.51 0.15 -30.24
C CYS A 50 4.35 -0.21 -31.16
N PRO A 51 4.02 -1.50 -31.33
CA PRO A 51 2.95 -1.88 -32.27
C PRO A 51 1.58 -1.34 -31.88
N ALA A 52 1.38 -0.97 -30.61
CA ALA A 52 0.06 -0.52 -30.18
C ALA A 52 -0.17 0.95 -30.51
N CYS A 53 0.69 1.84 -30.00
CA CYS A 53 0.49 3.28 -30.14
C CYS A 53 1.49 3.93 -31.09
N ASN A 54 2.37 3.15 -31.72
CA ASN A 54 3.35 3.66 -32.67
C ASN A 54 4.30 4.69 -32.05
N SER A 55 4.45 4.67 -30.74
CA SER A 55 5.38 5.57 -30.08
C SER A 55 6.82 5.16 -30.37
N THR A 56 7.70 6.15 -30.53
CA THR A 56 9.11 5.91 -30.82
C THR A 56 9.85 5.74 -29.50
N LEU A 57 10.19 4.50 -29.18
CA LEU A 57 10.95 4.18 -27.99
C LEU A 57 12.41 4.00 -28.34
N SER A 58 13.29 4.69 -27.62
CA SER A 58 14.71 4.68 -27.94
C SER A 58 15.57 4.39 -26.71
N GLY A 59 15.04 4.70 -25.53
CA GLY A 59 15.82 4.53 -24.32
C GLY A 59 15.99 3.07 -23.93
N LYS A 60 16.99 2.83 -23.08
CA LYS A 60 17.26 1.48 -22.60
C LYS A 60 16.14 0.98 -21.70
N LEU A 61 15.74 1.80 -20.72
CA LEU A 61 14.71 1.42 -19.77
C LEU A 61 13.29 1.55 -20.32
N ASP A 62 13.13 2.09 -21.53
CA ASP A 62 11.82 2.18 -22.14
C ASP A 62 11.27 0.81 -22.52
N ILE A 63 12.12 -0.21 -22.59
CA ILE A 63 11.70 -1.57 -22.91
C ILE A 63 12.36 -2.52 -21.92
N VAL A 64 11.56 -3.35 -21.26
CA VAL A 64 12.04 -4.30 -20.26
C VAL A 64 11.43 -5.66 -20.54
N ARG A 65 12.26 -6.70 -20.49
CA ARG A 65 11.80 -8.08 -20.60
C ARG A 65 11.60 -8.60 -19.18
N THR A 66 10.35 -8.68 -18.74
CA THR A 66 10.00 -8.94 -17.35
C THR A 66 9.32 -10.28 -17.21
N GLU A 67 9.60 -10.97 -16.11
CA GLU A 67 8.87 -12.18 -15.75
C GLU A 67 7.65 -11.80 -14.93
N LEU A 68 6.49 -12.34 -15.31
CA LEU A 68 5.23 -12.02 -14.67
C LEU A 68 4.97 -12.84 -13.41
N SER A 69 5.79 -13.84 -13.13
CA SER A 69 5.66 -14.68 -11.93
C SER A 69 7.01 -14.75 -11.24
N PRO A 70 7.48 -13.65 -10.66
CA PRO A 70 8.84 -13.61 -10.11
C PRO A 70 9.01 -14.55 -8.93
N SER A 71 10.25 -15.01 -8.76
CA SER A 71 10.57 -15.90 -7.66
C SER A 71 10.46 -15.17 -6.33
N GLU A 72 10.39 -15.96 -5.25
CA GLU A 72 10.28 -15.38 -3.92
C GLU A 72 11.52 -14.55 -3.58
N GLU A 73 12.70 -15.06 -3.93
CA GLU A 73 13.93 -14.35 -3.61
C GLU A 73 14.02 -13.02 -4.34
N TYR A 74 13.62 -12.99 -5.62
CA TYR A 74 13.65 -11.73 -6.37
C TYR A 74 12.69 -10.71 -5.76
N LYS A 75 11.50 -11.15 -5.37
CA LYS A 75 10.54 -10.24 -4.75
C LYS A 75 11.08 -9.71 -3.42
N ALA A 76 11.79 -10.56 -2.66
CA ALA A 76 12.30 -10.15 -1.36
C ALA A 76 13.52 -9.25 -1.45
N MET A 77 14.15 -9.15 -2.62
CA MET A 77 15.41 -8.43 -2.75
C MET A 77 15.39 -7.28 -3.75
N VAL A 78 14.40 -7.22 -4.65
CA VAL A 78 14.44 -6.21 -5.70
C VAL A 78 14.32 -4.80 -5.12
N LEU A 79 13.43 -4.61 -4.15
CA LEU A 79 13.23 -3.30 -3.54
C LEU A 79 13.82 -3.21 -2.14
N ALA A 80 14.53 -4.25 -1.69
CA ALA A 80 15.12 -4.21 -0.36
C ALA A 80 16.18 -3.11 -0.27
N GLY A 81 16.14 -2.34 0.81
CA GLY A 81 17.06 -1.25 1.03
C GLY A 81 16.54 0.11 0.63
N LEU A 82 15.49 0.17 -0.17
CA LEU A 82 14.92 1.44 -0.60
C LEU A 82 14.05 2.05 0.49
N ARG A 83 13.94 3.37 0.46
CA ARG A 83 13.10 4.06 1.44
C ARG A 83 11.63 3.78 1.16
N PRO A 84 10.76 3.88 2.18
CA PRO A 84 9.33 3.63 1.97
C PRO A 84 8.70 4.52 0.91
N GLU A 85 9.15 5.77 0.77
CA GLU A 85 8.60 6.64 -0.26
C GLU A 85 8.90 6.10 -1.65
N ILE A 86 10.12 5.60 -1.86
CA ILE A 86 10.48 5.03 -3.16
C ILE A 86 9.63 3.80 -3.44
N VAL A 87 9.46 2.93 -2.43
CA VAL A 87 8.67 1.72 -2.62
C VAL A 87 7.22 2.07 -2.94
N LEU A 88 6.66 3.06 -2.23
CA LEU A 88 5.30 3.50 -2.54
C LEU A 88 5.20 4.06 -3.95
N ASP A 89 6.20 4.84 -4.37
CA ASP A 89 6.18 5.42 -5.71
C ASP A 89 6.22 4.32 -6.78
N ILE A 90 7.07 3.31 -6.60
CA ILE A 90 7.15 2.22 -7.57
C ILE A 90 5.85 1.44 -7.60
N SER A 91 5.27 1.16 -6.42
CA SER A 91 4.00 0.45 -6.38
C SER A 91 2.89 1.25 -7.04
N SER A 92 2.90 2.57 -6.86
CA SER A 92 1.90 3.42 -7.50
C SER A 92 2.00 3.36 -9.03
N ARG A 93 3.23 3.39 -9.55
CA ARG A 93 3.41 3.36 -11.00
C ARG A 93 3.05 1.99 -11.58
N ALA A 94 3.36 0.91 -10.86
CA ALA A 94 3.00 -0.43 -11.32
C ALA A 94 1.49 -0.60 -11.36
N LEU A 95 0.78 -0.14 -10.33
CA LEU A 95 -0.67 -0.24 -10.31
C LEU A 95 -1.31 0.67 -11.34
N ALA A 96 -0.69 1.83 -11.61
CA ALA A 96 -1.18 2.69 -12.69
C ALA A 96 -1.07 1.99 -14.03
N PHE A 97 0.02 1.24 -14.26
CA PHE A 97 0.15 0.44 -15.46
C PHE A 97 -0.96 -0.61 -15.54
N TRP A 98 -1.23 -1.29 -14.42
CA TRP A 98 -2.24 -2.34 -14.41
C TRP A 98 -3.63 -1.77 -14.69
N THR A 99 -3.95 -0.63 -14.06
CA THR A 99 -5.26 -0.01 -14.28
C THR A 99 -5.42 0.44 -15.73
N TYR A 100 -4.33 0.95 -16.33
CA TYR A 100 -4.39 1.33 -17.73
C TYR A 100 -4.70 0.13 -18.63
N GLN A 101 -4.05 -1.00 -18.34
CA GLN A 101 -4.31 -2.21 -19.13
C GLN A 101 -5.75 -2.68 -18.95
N VAL A 102 -6.25 -2.64 -17.71
CA VAL A 102 -7.65 -3.02 -17.47
C VAL A 102 -8.58 -2.08 -18.21
N HIS A 103 -8.30 -0.77 -18.18
CA HIS A 103 -9.15 0.18 -18.87
C HIS A 103 -9.15 -0.07 -20.38
N GLN A 104 -7.99 -0.36 -20.95
CA GLN A 104 -7.91 -0.63 -22.39
C GLN A 104 -8.70 -1.88 -22.75
N GLU A 105 -8.61 -2.93 -21.91
CA GLU A 105 -9.39 -4.14 -22.16
C GLU A 105 -10.89 -3.85 -22.09
N ARG A 106 -11.31 -3.04 -21.11
CA ARG A 106 -12.73 -2.69 -21.00
C ARG A 106 -13.19 -1.91 -22.23
N LEU A 107 -12.37 -0.96 -22.69
CA LEU A 107 -12.75 -0.18 -23.87
C LEU A 107 -12.81 -1.06 -25.11
N TYR A 108 -11.89 -2.02 -25.23
CA TYR A 108 -11.90 -2.93 -26.38
C TYR A 108 -13.17 -3.78 -26.39
N GLN A 109 -13.58 -4.28 -25.23
CA GLN A 109 -14.80 -5.09 -25.17
C GLN A 109 -16.04 -4.25 -25.47
N GLU A 110 -16.08 -3.02 -24.97
CA GLU A 110 -17.22 -2.13 -25.27
C GLU A 110 -17.29 -1.82 -26.75
N TYR A 111 -16.13 -1.62 -27.39
CA TYR A 111 -16.10 -1.36 -28.83
C TYR A 111 -16.63 -2.55 -29.62
N ASN A 112 -16.23 -3.77 -29.23
CA ASN A 112 -16.73 -4.97 -29.91
C ASN A 112 -18.23 -5.12 -29.74
N PHE A 113 -18.75 -4.85 -28.53
CA PHE A 113 -20.18 -4.90 -28.32
C PHE A 113 -20.91 -3.87 -29.17
N SER A 114 -20.33 -2.66 -29.28
CA SER A 114 -20.91 -1.64 -30.13
C SER A 114 -20.92 -2.07 -31.59
N LYS A 115 -19.83 -2.71 -32.04
CA LYS A 115 -19.78 -3.21 -33.41
C LYS A 115 -20.84 -4.26 -33.65
N ALA A 116 -21.06 -5.16 -32.68
CA ALA A 116 -22.08 -6.18 -32.83
C ALA A 116 -23.48 -5.57 -32.92
N GLU A 117 -23.75 -4.54 -32.09
CA GLU A 117 -25.04 -3.86 -32.17
C GLU A 117 -25.22 -3.17 -33.52
N GLY A 118 -24.16 -2.54 -34.03
CA GLY A 118 -24.25 -1.91 -35.33
C GLY A 118 -24.50 -2.90 -36.45
N HIS A 119 -23.85 -4.07 -36.37
CA HIS A 119 -24.08 -5.10 -37.37
C HIS A 119 -25.52 -5.60 -37.33
N LEU A 120 -26.07 -5.77 -36.13
CA LEU A 120 -27.46 -6.22 -36.00
C LEU A 120 -28.43 -5.21 -36.59
N LYS A 121 -28.21 -3.92 -36.32
CA LYS A 121 -29.12 -2.90 -36.83
C LYS A 121 -29.06 -2.82 -38.36
N GLN A 122 -27.87 -2.89 -38.94
CA GLN A 122 -27.75 -2.90 -40.40
C GLN A 122 -28.40 -4.14 -40.99
N MET A 123 -28.25 -5.29 -40.34
CA MET A 123 -28.90 -6.51 -40.79
C MET A 123 -30.41 -6.38 -40.76
N GLU A 124 -30.96 -5.79 -39.70
CA GLU A 124 -32.39 -5.53 -39.64
C GLU A 124 -32.82 -4.58 -40.74
N LYS A 125 -32.01 -3.56 -41.03
CA LYS A 125 -32.35 -2.61 -42.08
C LYS A 125 -32.43 -3.29 -43.45
N ILE A 126 -31.43 -4.13 -43.76
CA ILE A 126 -31.43 -4.84 -45.03
C ILE A 126 -32.63 -5.78 -45.12
N TYR A 127 -32.90 -6.52 -44.04
CA TYR A 127 -34.03 -7.45 -44.04
C TYR A 127 -35.35 -6.72 -44.21
N THR A 128 -35.54 -5.61 -43.49
CA THR A 128 -36.79 -4.86 -43.61
C THR A 128 -36.95 -4.25 -45.00
N GLN A 129 -35.84 -3.80 -45.60
CA GLN A 129 -35.91 -3.27 -46.97
C GLN A 129 -36.38 -4.35 -47.94
N GLN A 130 -35.91 -5.58 -47.76
CA GLN A 130 -36.39 -6.68 -48.58
C GLN A 130 -37.81 -7.07 -48.23
N ILE A 131 -38.20 -6.92 -46.96
CA ILE A 131 -39.59 -7.20 -46.58
C ILE A 131 -40.55 -6.35 -47.39
N GLN A 132 -40.29 -5.04 -47.43
CA GLN A 132 -41.16 -4.13 -48.15
C GLN A 132 -41.11 -4.39 -49.66
N SER A 133 -39.94 -4.77 -50.16
CA SER A 133 -39.84 -5.17 -51.56
C SER A 133 -40.68 -6.42 -51.83
N LYS A 134 -40.53 -7.44 -50.99
CA LYS A 134 -41.24 -8.70 -51.20
C LYS A 134 -42.76 -8.51 -51.13
N ASP A 135 -43.22 -7.66 -50.22
CA ASP A 135 -44.65 -7.41 -50.11
C ASP A 135 -45.19 -6.70 -51.35
N VAL A 136 -44.41 -5.81 -51.94
CA VAL A 136 -44.89 -5.07 -53.11
C VAL A 136 -45.03 -5.98 -54.32
N GLU A 137 -44.05 -6.88 -54.53
CA GLU A 137 -44.15 -7.82 -55.63
C GLU A 137 -45.38 -8.71 -55.49
N LEU A 138 -45.64 -9.19 -54.27
CA LEU A 138 -46.83 -10.01 -54.05
C LEU A 138 -48.10 -9.24 -54.32
N THR A 139 -48.19 -8.00 -53.80
CA THR A 139 -49.40 -7.20 -54.01
C THR A 139 -49.59 -6.87 -55.50
N SER A 140 -48.49 -6.55 -56.20
CA SER A 140 -48.59 -6.26 -57.63
C SER A 140 -49.07 -7.48 -58.40
N MET A 141 -48.56 -8.67 -58.07
CA MET A 141 -49.01 -9.89 -58.72
C MET A 141 -50.46 -10.20 -58.37
N LYS A 142 -50.86 -9.96 -57.11
CA LYS A 142 -52.25 -10.16 -56.73
C LYS A 142 -53.18 -9.25 -57.52
N GLY A 143 -52.79 -7.98 -57.70
CA GLY A 143 -53.59 -7.07 -58.49
C GLY A 143 -53.72 -7.50 -59.94
N GLU A 144 -52.62 -7.99 -60.53
CA GLU A 144 -52.67 -8.47 -61.90
C GLU A 144 -53.58 -9.68 -62.03
N VAL A 145 -53.51 -10.61 -61.07
CA VAL A 145 -54.34 -11.81 -61.12
C VAL A 145 -55.81 -11.45 -61.04
N THR A 146 -56.17 -10.51 -60.16
CA THR A 146 -57.57 -10.09 -60.04
C THR A 146 -58.06 -9.43 -61.32
N SER A 147 -57.22 -8.63 -61.96
CA SER A 147 -57.63 -8.00 -63.23
C SER A 147 -57.84 -9.03 -64.32
N MET A 148 -56.95 -10.03 -64.41
CA MET A 148 -57.09 -11.05 -65.44
C MET A 148 -58.31 -11.94 -65.19
N LYS A 149 -58.60 -12.23 -63.93
CA LYS A 149 -59.78 -13.05 -63.63
C LYS A 149 -61.07 -12.32 -63.97
N LYS A 150 -61.09 -11.00 -63.81
CA LYS A 150 -62.26 -10.23 -64.23
C LYS A 150 -62.45 -10.29 -65.75
N VAL A 151 -61.35 -10.23 -66.50
CA VAL A 151 -61.42 -10.36 -67.94
C VAL A 151 -61.93 -11.73 -68.33
N LEU A 152 -61.47 -12.77 -67.63
CA LEU A 152 -61.95 -14.13 -67.91
C LEU A 152 -63.45 -14.25 -67.63
N GLU A 153 -63.93 -13.60 -66.58
CA GLU A 153 -65.37 -13.64 -66.29
C GLU A 153 -66.17 -13.04 -67.43
N GLU A 154 -65.73 -11.89 -67.95
CA GLU A 154 -66.46 -11.23 -69.04
C GLU A 154 -66.45 -12.07 -70.31
N TYR A 155 -65.32 -12.72 -70.61
CA TYR A 155 -65.24 -13.55 -71.81
C TYR A 155 -66.12 -14.78 -71.72
N LYS A 156 -66.24 -15.36 -70.52
CA LYS A 156 -67.15 -16.47 -70.32
C LYS A 156 -68.60 -16.05 -70.54
N LYS A 157 -68.95 -14.84 -70.09
CA LYS A 157 -70.29 -14.32 -70.34
C LYS A 157 -70.52 -14.12 -71.83
N LYS A 158 -69.50 -13.67 -72.57
CA LYS A 158 -69.61 -13.59 -74.02
C LYS A 158 -69.77 -14.98 -74.63
N PHE A 159 -69.10 -15.99 -74.06
CA PHE A 159 -69.25 -17.34 -74.55
C PHE A 159 -70.68 -17.84 -74.41
N SER A 160 -71.33 -17.53 -73.28
CA SER A 160 -72.71 -17.95 -73.09
C SER A 160 -73.63 -17.33 -74.13
N ASP A 161 -73.42 -16.04 -74.44
CA ASP A 161 -74.25 -15.38 -75.45
C ASP A 161 -74.03 -15.99 -76.83
N ILE A 162 -72.77 -16.31 -77.17
CA ILE A 162 -72.48 -16.86 -78.49
C ILE A 162 -73.12 -18.24 -78.65
N SER A 163 -73.02 -19.08 -77.62
CA SER A 163 -73.65 -20.40 -77.68
C SER A 163 -75.16 -20.30 -77.81
N GLU A 164 -75.77 -19.33 -77.11
CA GLU A 164 -77.21 -19.12 -77.25
C GLU A 164 -77.59 -18.71 -78.68
N LYS A 165 -76.79 -17.82 -79.28
CA LYS A 165 -77.02 -17.44 -80.67
C LYS A 165 -76.80 -18.62 -81.60
N LEU A 166 -75.80 -19.46 -81.31
CA LEU A 166 -75.55 -20.65 -82.12
C LEU A 166 -76.74 -21.60 -82.08
N MET A 167 -77.26 -21.85 -80.88
CA MET A 167 -78.42 -22.74 -80.77
C MET A 167 -79.64 -22.13 -81.43
N GLU A 168 -79.84 -20.82 -81.29
CA GLU A 168 -80.95 -20.16 -81.95
C GLU A 168 -80.84 -20.26 -83.46
N ARG A 169 -79.63 -20.06 -84.00
CA ARG A 169 -79.43 -20.21 -85.43
C ARG A 169 -79.68 -21.65 -85.87
N ASN A 170 -79.31 -22.62 -85.03
CA ASN A 170 -79.54 -24.01 -85.35
C ASN A 170 -81.04 -24.31 -85.47
N ARG A 171 -81.85 -23.77 -84.56
CA ARG A 171 -83.28 -24.04 -84.61
C ARG A 171 -83.94 -23.35 -85.80
N GLN A 172 -83.51 -22.12 -86.11
CA GLN A 172 -83.99 -21.44 -87.32
C GLN A 172 -83.53 -22.18 -88.57
N TYR A 173 -82.29 -22.67 -88.56
CA TYR A 173 -81.80 -23.48 -89.67
C TYR A 173 -82.61 -24.76 -89.82
N GLN A 174 -82.96 -25.39 -88.69
CA GLN A 174 -83.79 -26.59 -88.74
C GLN A 174 -85.20 -26.29 -89.25
N LYS A 175 -85.76 -25.13 -88.85
CA LYS A 175 -87.06 -24.75 -89.38
C LYS A 175 -87.02 -24.59 -90.88
N LEU A 176 -85.95 -23.98 -91.41
CA LEU A 176 -85.79 -23.87 -92.85
C LEU A 176 -85.55 -25.24 -93.49
N GLN A 177 -84.92 -26.17 -92.75
CA GLN A 177 -84.77 -27.53 -93.25
C GLN A 177 -86.13 -28.16 -93.51
N GLY A 178 -87.04 -28.04 -92.54
CA GLY A 178 -88.35 -28.65 -92.69
C GLY A 178 -89.16 -28.05 -93.81
N LEU A 179 -89.13 -26.71 -93.93
CA LEU A 179 -89.83 -26.04 -95.03
C LEU A 179 -89.24 -26.44 -96.38
N TYR A 180 -87.91 -26.50 -96.46
CA TYR A 180 -87.26 -26.92 -97.70
C TYR A 180 -87.63 -28.36 -98.06
N ASP A 181 -87.61 -29.25 -97.07
CA ASP A 181 -87.96 -30.65 -97.33
C ASP A 181 -89.42 -30.78 -97.74
N SER A 182 -90.32 -30.04 -97.10
CA SER A 182 -91.74 -30.13 -97.43
C SER A 182 -92.01 -29.66 -98.85
N LEU A 183 -91.39 -28.55 -99.26
CA LEU A 183 -91.57 -28.06 -100.62
C LEU A 183 -90.88 -28.97 -101.64
N ARG A 184 -89.75 -29.58 -101.27
CA ARG A 184 -89.09 -30.51 -102.18
C ARG A 184 -89.95 -31.73 -102.45
N LEU A 185 -90.61 -32.26 -101.41
CA LEU A 185 -91.45 -33.44 -101.59
C LEU A 185 -92.62 -33.16 -102.53
N ARG A 186 -93.21 -31.97 -102.42
CA ARG A 186 -94.33 -31.59 -103.27
C ARG A 186 -93.91 -31.52 -104.74
N LEU B 10 19.68 4.86 6.30
CA LEU B 10 20.26 3.55 6.60
C LEU B 10 21.73 3.66 6.98
N LEU B 11 22.23 2.65 7.66
CA LEU B 11 23.62 2.61 8.11
C LEU B 11 24.24 1.27 7.73
N CYS B 12 25.55 1.29 7.47
CA CYS B 12 26.27 0.05 7.19
C CYS B 12 26.23 -0.86 8.39
N ASN B 13 25.96 -2.15 8.15
CA ASN B 13 25.85 -3.13 9.22
C ASN B 13 27.21 -3.63 9.70
N TYR B 14 28.30 -3.19 9.08
CA TYR B 14 29.63 -3.47 9.63
C TYR B 14 29.83 -2.64 10.90
N ARG B 15 30.30 -3.30 11.95
CA ARG B 15 30.35 -2.65 13.27
C ARG B 15 31.29 -1.45 13.27
N LYS B 16 32.42 -1.55 12.58
CA LYS B 16 33.41 -0.49 12.58
C LYS B 16 33.16 0.57 11.52
N CYS B 17 32.09 0.45 10.74
CA CYS B 17 31.79 1.42 9.69
C CYS B 17 30.55 2.24 10.01
N ARG B 18 29.39 1.59 10.13
CA ARG B 18 28.12 2.22 10.52
C ARG B 18 27.95 3.61 9.90
N ILE B 19 28.20 3.70 8.60
CA ILE B 19 28.12 4.97 7.88
C ILE B 19 26.77 5.04 7.18
N LYS B 20 26.26 6.27 7.02
CA LYS B 20 25.04 6.47 6.25
C LYS B 20 25.25 6.00 4.82
N LEU B 21 24.29 5.23 4.31
CA LEU B 21 24.39 4.58 3.01
C LEU B 21 23.67 5.43 1.97
N SER B 22 24.41 5.84 0.93
CA SER B 22 23.84 6.58 -0.18
C SER B 22 24.44 6.06 -1.48
N GLY B 23 23.67 6.16 -2.55
CA GLY B 23 24.12 5.65 -3.84
C GLY B 23 24.02 4.13 -3.94
N TYR B 24 25.15 3.46 -3.94
CA TYR B 24 25.19 2.00 -4.10
C TYR B 24 25.41 1.33 -2.75
N ALA B 25 24.67 0.24 -2.52
CA ALA B 25 24.77 -0.55 -1.30
C ALA B 25 24.60 -2.02 -1.66
N TRP B 26 24.97 -2.89 -0.73
CA TRP B 26 24.87 -4.34 -0.90
C TRP B 26 23.87 -4.88 0.11
N VAL B 27 22.80 -5.50 -0.37
CA VAL B 27 21.70 -5.99 0.45
C VAL B 27 21.75 -7.51 0.49
N THR B 28 21.45 -8.08 1.64
CA THR B 28 21.53 -9.53 1.86
C THR B 28 20.14 -10.11 2.11
N ALA B 29 20.00 -11.40 1.78
CA ALA B 29 18.74 -12.10 2.01
C ALA B 29 18.43 -12.26 3.49
N CYS B 30 19.43 -12.12 4.36
CA CYS B 30 19.24 -12.17 5.80
C CYS B 30 18.87 -10.82 6.39
N SER B 31 18.35 -9.90 5.57
CA SER B 31 17.85 -8.60 6.01
C SER B 31 18.97 -7.75 6.60
N HIS B 32 20.07 -7.61 5.85
CA HIS B 32 21.16 -6.73 6.23
C HIS B 32 21.61 -5.95 5.00
N ILE B 33 22.20 -4.78 5.25
CA ILE B 33 22.69 -3.91 4.19
C ILE B 33 24.05 -3.38 4.58
N PHE B 34 24.95 -3.28 3.60
CA PHE B 34 26.32 -2.85 3.83
C PHE B 34 26.71 -1.81 2.78
N CYS B 35 27.73 -1.03 3.11
CA CYS B 35 28.23 -0.02 2.19
C CYS B 35 28.89 -0.69 0.98
N ASP B 36 29.22 0.15 -0.01
CA ASP B 36 29.77 -0.37 -1.26
C ASP B 36 31.12 -1.03 -1.04
N GLN B 37 32.00 -0.41 -0.23
CA GLN B 37 33.32 -0.95 0.00
C GLN B 37 33.26 -2.29 0.74
N HIS B 38 32.51 -2.32 1.85
CA HIS B 38 32.39 -3.56 2.63
C HIS B 38 31.57 -4.60 1.89
N GLY B 39 30.54 -4.16 1.17
CA GLY B 39 29.73 -5.11 0.41
C GLY B 39 30.52 -5.79 -0.69
N SER B 40 31.29 -5.01 -1.46
CA SER B 40 32.09 -5.58 -2.53
C SER B 40 33.16 -6.52 -1.99
N GLY B 41 33.83 -6.11 -0.90
CA GLY B 41 34.89 -6.95 -0.35
C GLY B 41 34.38 -8.27 0.20
N GLU B 42 33.26 -8.22 0.92
CA GLU B 42 32.73 -9.44 1.51
C GLU B 42 32.04 -10.33 0.48
N PHE B 43 31.36 -9.73 -0.50
CA PHE B 43 30.60 -10.48 -1.49
C PHE B 43 31.37 -10.68 -2.79
N SER B 44 32.69 -10.56 -2.75
CA SER B 44 33.55 -11.04 -3.82
C SER B 44 34.16 -12.39 -3.50
N ARG B 45 33.93 -12.90 -2.31
CA ARG B 45 34.41 -14.22 -1.89
C ARG B 45 33.43 -15.29 -2.34
N SER B 46 33.97 -16.40 -2.84
CA SER B 46 33.14 -17.61 -2.95
C SER B 46 32.69 -18.09 -1.59
N PRO B 47 33.58 -18.21 -0.57
CA PRO B 47 33.09 -18.39 0.81
C PRO B 47 32.75 -17.06 1.49
N ALA B 48 31.58 -16.51 1.17
CA ALA B 48 31.15 -15.21 1.67
C ALA B 48 30.17 -15.40 2.82
N ILE B 49 30.48 -14.80 3.96
CA ILE B 49 29.66 -14.90 5.16
C ILE B 49 29.28 -13.49 5.57
N CYS B 50 28.00 -13.29 5.90
CA CYS B 50 27.51 -11.98 6.30
C CYS B 50 28.20 -11.50 7.58
N PRO B 51 28.86 -10.35 7.57
CA PRO B 51 29.57 -9.91 8.79
C PRO B 51 28.64 -9.59 9.95
N ALA B 52 27.36 -9.34 9.70
CA ALA B 52 26.46 -8.93 10.77
C ALA B 52 25.99 -10.12 11.60
N CYS B 53 25.37 -11.10 10.95
CA CYS B 53 24.77 -12.24 11.64
C CYS B 53 25.51 -13.54 11.44
N ASN B 54 26.62 -13.54 10.70
CA ASN B 54 27.40 -14.73 10.39
C ASN B 54 26.59 -15.80 9.67
N SER B 55 25.54 -15.40 8.97
CA SER B 55 24.74 -16.36 8.22
C SER B 55 25.51 -16.86 7.00
N THR B 56 25.32 -18.13 6.67
CA THR B 56 25.99 -18.74 5.52
C THR B 56 25.20 -18.41 4.26
N LEU B 57 25.72 -17.47 3.48
CA LEU B 57 25.11 -17.09 2.21
C LEU B 57 25.70 -17.92 1.10
N SER B 58 24.83 -18.53 0.28
CA SER B 58 25.29 -19.34 -0.85
C SER B 58 24.53 -18.99 -2.13
N GLY B 59 23.30 -18.48 -1.99
CA GLY B 59 22.46 -18.25 -3.14
C GLY B 59 22.83 -17.02 -3.95
N LYS B 60 22.25 -16.93 -5.14
CA LYS B 60 22.50 -15.79 -6.02
C LYS B 60 21.85 -14.53 -5.47
N LEU B 61 20.54 -14.57 -5.22
CA LEU B 61 19.80 -13.41 -4.77
C LEU B 61 20.00 -13.12 -3.28
N ASP B 62 20.81 -13.93 -2.59
CA ASP B 62 21.25 -13.56 -1.25
C ASP B 62 22.16 -12.35 -1.25
N ILE B 63 22.67 -11.94 -2.41
CA ILE B 63 23.56 -10.79 -2.55
C ILE B 63 23.07 -9.95 -3.72
N VAL B 64 22.76 -8.68 -3.45
CA VAL B 64 22.34 -7.75 -4.48
C VAL B 64 23.05 -6.42 -4.26
N ARG B 65 23.55 -5.83 -5.34
CA ARG B 65 24.09 -4.48 -5.32
C ARG B 65 23.01 -3.55 -5.86
N THR B 66 22.37 -2.80 -4.97
CA THR B 66 21.21 -1.99 -5.30
C THR B 66 21.55 -0.50 -5.19
N GLU B 67 20.98 0.30 -6.09
CA GLU B 67 21.11 1.74 -6.03
C GLU B 67 20.02 2.31 -5.12
N LEU B 68 20.43 3.11 -4.15
CA LEU B 68 19.49 3.67 -3.18
C LEU B 68 18.76 4.90 -3.70
N SER B 69 19.17 5.45 -4.84
CA SER B 69 18.50 6.58 -5.47
C SER B 69 18.20 6.22 -6.92
N PRO B 70 17.25 5.32 -7.14
CA PRO B 70 16.97 4.85 -8.50
C PRO B 70 16.40 5.95 -9.38
N SER B 71 16.64 5.82 -10.68
CA SER B 71 16.11 6.78 -11.63
C SER B 71 14.60 6.63 -11.74
N GLU B 72 13.97 7.67 -12.31
CA GLU B 72 12.52 7.64 -12.49
C GLU B 72 12.10 6.53 -13.45
N GLU B 73 12.87 6.32 -14.51
CA GLU B 73 12.53 5.28 -15.47
C GLU B 73 12.60 3.89 -14.85
N TYR B 74 13.62 3.64 -14.02
CA TYR B 74 13.73 2.35 -13.36
C TYR B 74 12.54 2.11 -12.43
N LYS B 75 12.14 3.13 -11.67
CA LYS B 75 11.01 2.98 -10.77
C LYS B 75 9.72 2.69 -11.53
N ALA B 76 9.56 3.30 -12.70
CA ALA B 76 8.35 3.13 -13.50
C ALA B 76 8.32 1.81 -14.26
N MET B 77 9.45 1.11 -14.37
CA MET B 77 9.53 -0.08 -15.20
C MET B 77 9.93 -1.35 -14.45
N VAL B 78 10.48 -1.25 -13.25
CA VAL B 78 10.98 -2.43 -12.55
C VAL B 78 9.83 -3.38 -12.20
N LEU B 79 8.72 -2.84 -11.74
CA LEU B 79 7.55 -3.64 -11.39
C LEU B 79 6.43 -3.52 -12.42
N ALA B 80 6.67 -2.82 -13.53
CA ALA B 80 5.63 -2.66 -14.55
C ALA B 80 5.28 -4.01 -15.15
N GLY B 81 3.97 -4.27 -15.27
CA GLY B 81 3.47 -5.52 -15.80
C GLY B 81 3.09 -6.54 -14.76
N LEU B 82 3.55 -6.38 -13.52
CA LEU B 82 3.24 -7.34 -12.46
C LEU B 82 1.84 -7.12 -11.92
N ARG B 83 1.24 -8.19 -11.41
CA ARG B 83 -0.08 -8.12 -10.82
C ARG B 83 -0.03 -7.34 -9.50
N PRO B 84 -1.16 -6.76 -9.10
CA PRO B 84 -1.19 -6.02 -7.83
C PRO B 84 -0.80 -6.87 -6.63
N GLU B 85 -1.15 -8.15 -6.62
CA GLU B 85 -0.76 -9.02 -5.51
C GLU B 85 0.75 -9.15 -5.41
N ILE B 86 1.43 -9.31 -6.56
CA ILE B 86 2.88 -9.40 -6.54
C ILE B 86 3.50 -8.09 -6.07
N VAL B 87 3.00 -6.96 -6.55
CA VAL B 87 3.53 -5.66 -6.15
C VAL B 87 3.34 -5.45 -4.66
N LEU B 88 2.17 -5.83 -4.13
CA LEU B 88 1.94 -5.74 -2.69
C LEU B 88 2.94 -6.60 -1.92
N ASP B 89 3.19 -7.82 -2.40
CA ASP B 89 4.12 -8.71 -1.71
C ASP B 89 5.52 -8.11 -1.71
N ILE B 90 5.96 -7.56 -2.83
CA ILE B 90 7.29 -6.94 -2.89
C ILE B 90 7.36 -5.73 -1.97
N SER B 91 6.32 -4.89 -2.00
CA SER B 91 6.31 -3.71 -1.12
C SER B 91 6.32 -4.13 0.34
N SER B 92 5.58 -5.19 0.68
CA SER B 92 5.55 -5.67 2.06
C SER B 92 6.94 -6.12 2.52
N ARG B 93 7.66 -6.85 1.67
CA ARG B 93 8.97 -7.34 2.05
C ARG B 93 9.99 -6.21 2.15
N ALA B 94 9.89 -5.22 1.26
CA ALA B 94 10.78 -4.07 1.32
C ALA B 94 10.55 -3.25 2.59
N LEU B 95 9.27 -3.03 2.93
CA LEU B 95 8.97 -2.33 4.18
C LEU B 95 9.35 -3.15 5.40
N ALA B 96 9.24 -4.48 5.31
CA ALA B 96 9.72 -5.33 6.39
C ALA B 96 11.23 -5.18 6.58
N PHE B 97 11.96 -5.09 5.48
CA PHE B 97 13.40 -4.85 5.56
C PHE B 97 13.71 -3.51 6.22
N TRP B 98 12.97 -2.46 5.85
CA TRP B 98 13.21 -1.15 6.42
C TRP B 98 12.89 -1.12 7.91
N THR B 99 11.77 -1.73 8.31
CA THR B 99 11.40 -1.77 9.72
C THR B 99 12.42 -2.56 10.53
N TYR B 100 12.95 -3.64 9.97
CA TYR B 100 13.99 -4.40 10.66
C TYR B 100 15.24 -3.56 10.88
N GLN B 101 15.65 -2.80 9.86
CA GLN B 101 16.84 -1.96 9.99
C GLN B 101 16.62 -0.86 11.03
N VAL B 102 15.44 -0.24 11.03
CA VAL B 102 15.14 0.80 12.01
C VAL B 102 15.15 0.22 13.41
N HIS B 103 14.54 -0.97 13.58
CA HIS B 103 14.50 -1.59 14.91
C HIS B 103 15.89 -1.93 15.40
N GLN B 104 16.76 -2.43 14.53
CA GLN B 104 18.13 -2.75 14.93
C GLN B 104 18.89 -1.49 15.32
N GLU B 105 18.69 -0.39 14.58
CA GLU B 105 19.33 0.86 14.94
C GLU B 105 18.85 1.35 16.31
N ARG B 106 17.55 1.23 16.57
CA ARG B 106 17.01 1.63 17.87
C ARG B 106 17.63 0.79 18.99
N LEU B 107 17.77 -0.52 18.77
CA LEU B 107 18.39 -1.37 19.77
C LEU B 107 19.85 -0.98 20.01
N TYR B 108 20.56 -0.64 18.93
CA TYR B 108 21.95 -0.22 19.08
C TYR B 108 22.06 1.06 19.91
N GLN B 109 21.17 2.02 19.66
CA GLN B 109 21.20 3.25 20.44
C GLN B 109 20.86 3.00 21.91
N GLU B 110 19.90 2.10 22.17
CA GLU B 110 19.61 1.73 23.56
C GLU B 110 20.80 1.05 24.20
N TYR B 111 21.52 0.21 23.45
CA TYR B 111 22.71 -0.43 23.98
C TYR B 111 23.79 0.58 24.33
N ASN B 112 23.97 1.59 23.48
CA ASN B 112 24.96 2.63 23.77
C ASN B 112 24.59 3.43 25.00
N PHE B 113 23.30 3.73 25.18
CA PHE B 113 22.87 4.45 26.38
C PHE B 113 23.10 3.61 27.63
N SER B 114 22.84 2.31 27.56
CA SER B 114 23.11 1.43 28.68
C SER B 114 24.61 1.39 29.01
N LYS B 115 25.45 1.36 27.97
CA LYS B 115 26.89 1.37 28.18
C LYS B 115 27.34 2.66 28.87
N ALA B 116 26.76 3.80 28.47
CA ALA B 116 27.09 5.06 29.11
C ALA B 116 26.66 5.07 30.58
N GLU B 117 25.48 4.53 30.87
CA GLU B 117 25.02 4.43 32.25
C GLU B 117 25.95 3.56 33.08
N GLY B 118 26.41 2.44 32.51
CA GLY B 118 27.33 1.58 33.22
C GLY B 118 28.66 2.26 33.51
N HIS B 119 29.18 3.01 32.54
CA HIS B 119 30.43 3.74 32.75
C HIS B 119 30.29 4.79 33.84
N LEU B 120 29.15 5.49 33.86
CA LEU B 120 28.91 6.50 34.90
C LEU B 120 28.88 5.85 36.29
N LYS B 121 28.21 4.71 36.42
CA LYS B 121 28.14 4.04 37.72
C LYS B 121 29.51 3.56 38.17
N GLN B 122 30.31 3.02 37.24
CA GLN B 122 31.68 2.63 37.59
C GLN B 122 32.51 3.84 37.99
N MET B 123 32.27 4.98 37.33
CA MET B 123 33.01 6.20 37.64
C MET B 123 32.69 6.68 39.06
N GLU B 124 31.42 6.70 39.43
CA GLU B 124 31.04 7.05 40.80
C GLU B 124 31.59 6.02 41.78
N LYS B 125 31.61 4.75 41.38
CA LYS B 125 32.13 3.69 42.24
C LYS B 125 33.59 3.92 42.59
N ILE B 126 34.43 4.21 41.59
CA ILE B 126 35.84 4.48 41.85
C ILE B 126 36.00 5.75 42.66
N TYR B 127 35.24 6.80 42.33
CA TYR B 127 35.38 8.07 43.01
C TYR B 127 35.04 7.96 44.50
N THR B 128 33.99 7.20 44.83
CA THR B 128 33.63 7.03 46.23
C THR B 128 34.69 6.24 46.99
N GLN B 129 35.30 5.24 46.35
CA GLN B 129 36.34 4.47 47.01
C GLN B 129 37.53 5.33 47.37
N GLN B 130 37.95 6.21 46.46
CA GLN B 130 39.11 7.06 46.71
C GLN B 130 38.81 8.11 47.77
N ILE B 131 37.57 8.59 47.84
CA ILE B 131 37.18 9.50 48.92
C ILE B 131 37.32 8.79 50.27
N GLN B 132 36.78 7.58 50.37
CA GLN B 132 36.79 6.86 51.63
C GLN B 132 38.22 6.53 52.08
N SER B 133 39.09 6.15 51.13
CA SER B 133 40.48 5.91 51.47
C SER B 133 41.16 7.17 52.00
N LYS B 134 40.92 8.31 51.33
CA LYS B 134 41.53 9.56 51.77
C LYS B 134 40.91 10.08 53.06
N ASP B 135 39.61 9.85 53.27
CA ASP B 135 38.96 10.27 54.51
C ASP B 135 39.53 9.52 55.71
N VAL B 136 39.80 8.22 55.54
CA VAL B 136 40.44 7.45 56.61
C VAL B 136 41.85 7.97 56.87
N GLU B 137 42.56 8.33 55.79
CA GLU B 137 43.88 8.92 55.95
C GLU B 137 43.79 10.23 56.72
N LEU B 138 42.79 11.06 56.43
CA LEU B 138 42.61 12.30 57.18
C LEU B 138 42.31 12.04 58.64
N THR B 139 41.44 11.07 58.91
CA THR B 139 41.11 10.76 60.31
C THR B 139 42.32 10.21 61.06
N SER B 140 43.13 9.38 60.40
CA SER B 140 44.34 8.88 61.03
C SER B 140 45.33 10.00 61.35
N MET B 141 45.50 10.94 60.41
CA MET B 141 46.39 12.07 60.65
C MET B 141 45.89 12.94 61.78
N LYS B 142 44.57 13.20 61.83
CA LYS B 142 44.00 13.99 62.92
C LYS B 142 44.20 13.29 64.26
N GLY B 143 44.02 11.97 64.29
CA GLY B 143 44.27 11.23 65.53
C GLY B 143 45.73 11.31 65.95
N GLU B 144 46.64 11.26 64.98
CA GLU B 144 48.06 11.45 65.30
C GLU B 144 48.31 12.84 65.85
N VAL B 145 47.69 13.87 65.25
CA VAL B 145 47.90 15.23 65.71
C VAL B 145 47.42 15.39 67.15
N THR B 146 46.28 14.77 67.48
CA THR B 146 45.80 14.82 68.86
C THR B 146 46.79 14.19 69.82
N SER B 147 47.40 13.06 69.42
CA SER B 147 48.41 12.42 70.25
C SER B 147 49.61 13.34 70.45
N MET B 148 50.03 14.04 69.39
CA MET B 148 51.13 14.98 69.51
C MET B 148 50.81 16.09 70.51
N LYS B 149 49.58 16.60 70.47
CA LYS B 149 49.19 17.65 71.40
C LYS B 149 49.16 17.15 72.84
N LYS B 150 48.72 15.90 73.04
CA LYS B 150 48.75 15.32 74.38
C LYS B 150 50.17 15.21 74.90
N VAL B 151 51.10 14.78 74.04
CA VAL B 151 52.51 14.70 74.43
C VAL B 151 53.06 16.09 74.73
N LEU B 152 52.64 17.10 73.96
CA LEU B 152 53.09 18.46 74.20
C LEU B 152 52.67 18.96 75.57
N GLU B 153 51.41 18.72 75.95
CA GLU B 153 50.94 19.17 77.26
C GLU B 153 51.66 18.43 78.39
N GLU B 154 51.89 17.14 78.23
CA GLU B 154 52.61 16.38 79.25
C GLU B 154 54.02 16.92 79.44
N TYR B 155 54.71 17.24 78.35
CA TYR B 155 56.06 17.79 78.45
C TYR B 155 56.05 19.18 79.07
N LYS B 156 55.03 19.98 78.78
CA LYS B 156 54.93 21.29 79.42
C LYS B 156 54.75 21.15 80.93
N LYS B 157 53.94 20.18 81.36
CA LYS B 157 53.80 19.91 82.80
C LYS B 157 55.13 19.47 83.40
N LYS B 158 55.87 18.61 82.70
CA LYS B 158 57.18 18.21 83.17
C LYS B 158 58.14 19.40 83.21
N PHE B 159 58.03 20.30 82.24
CA PHE B 159 58.86 21.51 82.25
C PHE B 159 58.59 22.35 83.49
N SER B 160 57.31 22.52 83.85
CA SER B 160 56.97 23.29 85.04
C SER B 160 57.54 22.66 86.30
N ASP B 161 57.46 21.33 86.40
CA ASP B 161 58.01 20.63 87.56
C ASP B 161 59.52 20.79 87.63
N ILE B 162 60.21 20.69 86.50
CA ILE B 162 61.66 20.86 86.49
C ILE B 162 62.03 22.29 86.87
N SER B 163 61.25 23.27 86.40
CA SER B 163 61.51 24.65 86.77
C SER B 163 61.37 24.86 88.28
N GLU B 164 60.36 24.22 88.88
CA GLU B 164 60.21 24.28 90.34
C GLU B 164 61.40 23.65 91.04
N LYS B 165 61.87 22.50 90.54
CA LYS B 165 63.06 21.87 91.11
C LYS B 165 64.28 22.76 90.95
N LEU B 166 64.39 23.43 89.80
CA LEU B 166 65.53 24.32 89.57
C LEU B 166 65.54 25.47 90.56
N MET B 167 64.38 26.07 90.82
CA MET B 167 64.32 27.18 91.76
C MET B 167 64.61 26.72 93.18
N GLU B 168 64.16 25.52 93.56
CA GLU B 168 64.48 24.97 94.87
C GLU B 168 65.97 24.75 95.03
N ARG B 169 66.62 24.23 93.99
CA ARG B 169 68.08 24.05 94.05
C ARG B 169 68.79 25.39 94.13
N ASN B 170 68.31 26.39 93.39
CA ASN B 170 68.93 27.71 93.40
C ASN B 170 68.83 28.35 94.79
N ARG B 171 67.67 28.25 95.44
CA ARG B 171 67.52 28.87 96.75
C ARG B 171 68.35 28.16 97.81
N GLN B 172 68.46 26.83 97.72
CA GLN B 172 69.36 26.10 98.62
C GLN B 172 70.82 26.47 98.36
N TYR B 173 71.19 26.64 97.09
CA TYR B 173 72.54 27.06 96.75
C TYR B 173 72.84 28.44 97.29
N GLN B 174 71.88 29.36 97.21
CA GLN B 174 72.07 30.70 97.73
C GLN B 174 72.21 30.70 99.25
N LYS B 175 71.40 29.89 99.94
CA LYS B 175 71.49 29.83 101.40
C LYS B 175 72.84 29.28 101.84
N LEU B 176 73.33 28.23 101.18
CA LEU B 176 74.66 27.72 101.46
C LEU B 176 75.74 28.73 101.08
N GLN B 177 75.48 29.55 100.05
CA GLN B 177 76.41 30.63 99.72
C GLN B 177 76.52 31.62 100.86
N GLY B 178 75.40 31.97 101.49
CA GLY B 178 75.44 32.87 102.63
C GLY B 178 76.17 32.27 103.82
N LEU B 179 75.96 30.98 104.08
CA LEU B 179 76.69 30.31 105.15
C LEU B 179 78.18 30.25 104.84
N TYR B 180 78.53 30.01 103.58
CA TYR B 180 79.94 30.02 103.18
C TYR B 180 80.56 31.39 103.39
N ASP B 181 79.83 32.46 103.05
CA ASP B 181 80.33 33.81 103.26
C ASP B 181 80.54 34.09 104.75
N SER B 182 79.61 33.61 105.60
CA SER B 182 79.77 33.79 107.03
C SER B 182 81.02 33.10 107.55
N LEU B 183 81.27 31.86 107.09
CA LEU B 183 82.50 31.17 107.46
C LEU B 183 83.72 31.76 106.76
N ARG B 184 83.52 32.48 105.65
CA ARG B 184 84.63 33.20 105.04
C ARG B 184 85.12 34.32 105.94
N LEU B 185 84.18 34.99 106.64
CA LEU B 185 84.57 36.01 107.60
C LEU B 185 85.41 35.43 108.73
N ARG B 186 85.26 34.14 109.02
CA ARG B 186 86.03 33.46 110.05
C ARG B 186 87.51 33.42 109.68
N MET C 9 5.03 -0.19 20.32
CA MET C 9 5.99 0.37 19.38
C MET C 9 5.90 1.91 19.36
N LEU C 10 4.70 2.42 19.55
CA LEU C 10 4.46 3.86 19.64
C LEU C 10 4.42 4.31 21.10
N LEU C 11 4.62 5.61 21.30
CA LEU C 11 4.66 6.19 22.64
C LEU C 11 3.76 7.41 22.69
N CYS C 12 3.21 7.67 23.87
CA CYS C 12 2.40 8.87 24.08
C CYS C 12 3.26 10.11 23.85
N ASN C 13 2.73 11.04 23.05
CA ASN C 13 3.48 12.25 22.72
C ASN C 13 3.46 13.28 23.84
N TYR C 14 2.76 13.01 24.94
CA TYR C 14 2.90 13.84 26.13
C TYR C 14 4.30 13.65 26.70
N ARG C 15 4.97 14.76 27.03
CA ARG C 15 6.38 14.70 27.38
C ARG C 15 6.61 13.89 28.64
N LYS C 16 5.73 14.00 29.62
CA LYS C 16 5.91 13.34 30.91
C LYS C 16 5.23 11.98 30.97
N CYS C 17 4.62 11.50 29.89
CA CYS C 17 3.96 10.21 29.87
C CYS C 17 4.78 9.17 29.10
N ARG C 18 5.03 9.40 27.82
CA ARG C 18 5.88 8.55 26.97
C ARG C 18 5.66 7.06 27.24
N ILE C 19 4.39 6.66 27.32
CA ILE C 19 4.03 5.27 27.61
C ILE C 19 3.73 4.55 26.30
N LYS C 20 4.04 3.26 26.26
CA LYS C 20 3.75 2.45 25.08
C LYS C 20 2.24 2.41 24.84
N LEU C 21 1.86 2.61 23.57
CA LEU C 21 0.46 2.75 23.19
C LEU C 21 -0.07 1.41 22.68
N SER C 22 -1.11 0.90 23.33
CA SER C 22 -1.78 -0.32 22.92
C SER C 22 -3.28 -0.15 23.10
N GLY C 23 -4.05 -0.86 22.28
CA GLY C 23 -5.50 -0.75 22.34
C GLY C 23 -6.01 0.53 21.72
N TYR C 24 -6.54 1.43 22.53
CA TYR C 24 -7.08 2.70 22.06
C TYR C 24 -6.04 3.80 22.18
N ALA C 25 -5.99 4.65 21.15
CA ALA C 25 -5.12 5.82 21.12
C ALA C 25 -5.87 6.95 20.46
N TRP C 26 -5.40 8.18 20.72
CA TRP C 26 -5.98 9.37 20.13
C TRP C 26 -4.97 9.98 19.17
N VAL C 27 -5.35 10.07 17.89
CA VAL C 27 -4.49 10.57 16.83
C VAL C 27 -4.98 11.95 16.42
N THR C 28 -4.05 12.88 16.21
CA THR C 28 -4.37 14.25 15.89
C THR C 28 -3.95 14.58 14.46
N ALA C 29 -4.63 15.55 13.86
CA ALA C 29 -4.19 16.10 12.59
C ALA C 29 -2.86 16.83 12.70
N CYS C 30 -2.40 17.10 13.91
CA CYS C 30 -1.09 17.69 14.17
C CYS C 30 0.03 16.67 14.06
N SER C 31 -0.25 15.47 13.54
CA SER C 31 0.73 14.38 13.46
C SER C 31 1.25 14.01 14.84
N HIS C 32 0.33 13.88 15.80
CA HIS C 32 0.67 13.48 17.16
C HIS C 32 -0.32 12.43 17.64
N ILE C 33 0.15 11.58 18.55
CA ILE C 33 -0.65 10.49 19.09
C ILE C 33 -0.44 10.42 20.59
N PHE C 34 -1.53 10.17 21.32
CA PHE C 34 -1.50 10.13 22.78
C PHE C 34 -2.28 8.91 23.26
N CYS C 35 -1.98 8.50 24.50
CA CYS C 35 -2.69 7.37 25.07
C CYS C 35 -4.15 7.75 25.35
N ASP C 36 -4.94 6.74 25.74
CA ASP C 36 -6.37 6.94 25.91
C ASP C 36 -6.68 7.94 27.00
N GLN C 37 -5.88 7.95 28.08
CA GLN C 37 -6.14 8.83 29.21
C GLN C 37 -5.91 10.29 28.84
N HIS C 38 -4.78 10.60 28.20
CA HIS C 38 -4.51 11.97 27.79
C HIS C 38 -5.50 12.45 26.74
N GLY C 39 -5.84 11.57 25.79
CA GLY C 39 -6.80 11.94 24.76
C GLY C 39 -8.19 12.18 25.30
N SER C 40 -8.65 11.32 26.21
CA SER C 40 -9.98 11.49 26.79
C SER C 40 -10.08 12.79 27.57
N GLY C 41 -9.03 13.15 28.31
CA GLY C 41 -9.06 14.39 29.08
C GLY C 41 -9.11 15.63 28.20
N GLU C 42 -8.33 15.63 27.12
CA GLU C 42 -8.15 16.83 26.28
C GLU C 42 -9.04 16.83 25.04
N PHE C 43 -9.24 15.67 24.40
CA PHE C 43 -9.88 15.62 23.09
C PHE C 43 -11.37 15.32 23.17
N SER C 44 -12.02 15.72 24.25
CA SER C 44 -13.48 15.70 24.33
C SER C 44 -14.09 17.08 24.17
N ARG C 45 -13.26 18.11 24.01
CA ARG C 45 -13.73 19.49 23.91
C ARG C 45 -13.95 19.88 22.46
N SER C 46 -14.94 20.75 22.23
CA SER C 46 -15.14 21.28 20.89
C SER C 46 -13.93 22.05 20.38
N PRO C 47 -13.30 22.94 21.16
CA PRO C 47 -11.96 23.42 20.77
C PRO C 47 -10.88 22.51 21.32
N ALA C 48 -9.98 22.05 20.45
CA ALA C 48 -8.96 21.09 20.82
C ALA C 48 -7.58 21.73 20.73
N ILE C 49 -6.81 21.64 21.80
CA ILE C 49 -5.43 22.12 21.85
C ILE C 49 -4.52 20.91 21.93
N CYS C 50 -3.57 20.82 21.01
CA CYS C 50 -2.69 19.66 20.95
C CYS C 50 -1.76 19.65 22.17
N PRO C 51 -1.77 18.61 22.99
CA PRO C 51 -0.92 18.61 24.19
C PRO C 51 0.58 18.68 23.89
N ALA C 52 1.00 18.28 22.69
CA ALA C 52 2.42 18.26 22.37
C ALA C 52 2.90 19.63 21.90
N CYS C 53 2.25 20.18 20.87
CA CYS C 53 2.70 21.41 20.24
C CYS C 53 1.71 22.57 20.40
N ASN C 54 0.65 22.39 21.18
CA ASN C 54 -0.32 23.44 21.48
C ASN C 54 -1.00 23.99 20.23
N SER C 55 -1.06 23.20 19.16
CA SER C 55 -1.79 23.62 17.97
C SER C 55 -3.29 23.55 18.22
N THR C 56 -4.00 24.53 17.68
CA THR C 56 -5.45 24.62 17.87
C THR C 56 -6.15 23.76 16.82
N LEU C 57 -6.70 22.63 17.27
CA LEU C 57 -7.49 21.75 16.41
C LEU C 57 -8.96 22.09 16.58
N SER C 58 -9.67 22.28 15.46
CA SER C 58 -11.08 22.64 15.48
C SER C 58 -11.96 21.76 14.61
N GLY C 59 -11.42 21.11 13.58
CA GLY C 59 -12.23 20.28 12.73
C GLY C 59 -12.63 18.99 13.39
N LYS C 60 -13.65 18.34 12.79
CA LYS C 60 -14.14 17.08 13.32
C LYS C 60 -13.10 15.97 13.20
N LEU C 61 -12.49 15.85 12.03
CA LEU C 61 -11.54 14.79 11.75
C LEU C 61 -10.12 15.09 12.24
N ASP C 62 -9.90 16.25 12.86
CA ASP C 62 -8.59 16.56 13.41
C ASP C 62 -8.23 15.67 14.59
N ILE C 63 -9.19 14.99 15.19
CA ILE C 63 -8.97 14.11 16.33
C ILE C 63 -9.73 12.82 16.08
N VAL C 64 -9.04 11.68 16.19
CA VAL C 64 -9.63 10.36 15.97
C VAL C 64 -9.22 9.45 17.12
N ARG C 65 -10.18 8.71 17.65
CA ARG C 65 -9.93 7.67 18.65
C ARG C 65 -9.86 6.34 17.91
N THR C 66 -8.63 5.86 17.70
CA THR C 66 -8.38 4.69 16.86
C THR C 66 -7.86 3.53 17.71
N GLU C 67 -8.25 2.32 17.34
CA GLU C 67 -7.68 1.12 17.93
C GLU C 67 -6.41 0.74 17.19
N LEU C 68 -5.34 0.49 17.94
CA LEU C 68 -4.06 0.16 17.34
C LEU C 68 -3.92 -1.31 16.98
N SER C 69 -4.87 -2.15 17.36
CA SER C 69 -4.87 -3.58 17.02
C SER C 69 -6.22 -3.92 16.41
N PRO C 70 -6.52 -3.40 15.22
CA PRO C 70 -7.87 -3.54 14.68
C PRO C 70 -8.24 -4.99 14.38
N SER C 71 -9.53 -5.27 14.44
CA SER C 71 -10.03 -6.59 14.15
C SER C 71 -9.87 -6.91 12.67
N GLU C 72 -9.90 -8.21 12.35
CA GLU C 72 -9.74 -8.65 10.97
C GLU C 72 -10.89 -8.12 10.10
N GLU C 73 -12.11 -8.16 10.62
CA GLU C 73 -13.26 -7.70 9.84
C GLU C 73 -13.17 -6.20 9.55
N TYR C 74 -12.74 -5.41 10.55
CA TYR C 74 -12.57 -3.97 10.32
C TYR C 74 -11.53 -3.70 9.25
N LYS C 75 -10.40 -4.43 9.30
CA LYS C 75 -9.37 -4.24 8.29
C LYS C 75 -9.88 -4.59 6.90
N ALA C 76 -10.75 -5.60 6.81
CA ALA C 76 -11.28 -6.05 5.53
C ALA C 76 -12.35 -5.12 4.98
N MET C 77 -12.94 -4.25 5.80
CA MET C 77 -14.09 -3.47 5.40
C MET C 77 -13.90 -1.96 5.46
N VAL C 78 -12.90 -1.46 6.19
CA VAL C 78 -12.75 -0.02 6.38
C VAL C 78 -12.47 0.66 5.05
N LEU C 79 -11.61 0.07 4.22
CA LEU C 79 -11.29 0.60 2.91
C LEU C 79 -11.96 -0.17 1.77
N ALA C 80 -12.83 -1.13 2.09
CA ALA C 80 -13.47 -1.93 1.07
C ALA C 80 -14.34 -1.06 0.15
N GLY C 81 -14.19 -1.26 -1.16
CA GLY C 81 -14.93 -0.53 -2.15
C GLY C 81 -14.19 0.65 -2.75
N LEU C 82 -13.13 1.14 -2.09
CA LEU C 82 -12.40 2.30 -2.57
C LEU C 82 -11.49 1.92 -3.75
N ARG C 83 -11.24 2.90 -4.62
CA ARG C 83 -10.39 2.68 -5.77
C ARG C 83 -8.93 2.51 -5.32
N PRO C 84 -8.12 1.82 -6.12
CA PRO C 84 -6.71 1.64 -5.73
C PRO C 84 -5.95 2.93 -5.51
N GLU C 85 -6.25 3.98 -6.29
CA GLU C 85 -5.56 5.26 -6.09
C GLU C 85 -5.87 5.83 -4.71
N ILE C 86 -7.14 5.76 -4.28
CA ILE C 86 -7.51 6.25 -2.96
C ILE C 86 -6.82 5.44 -1.87
N VAL C 87 -6.81 4.11 -2.01
CA VAL C 87 -6.18 3.24 -1.01
C VAL C 87 -4.69 3.53 -0.90
N LEU C 88 -4.02 3.70 -2.04
CA LEU C 88 -2.61 4.06 -2.01
C LEU C 88 -2.39 5.42 -1.33
N ASP C 89 -3.26 6.39 -1.63
CA ASP C 89 -3.14 7.70 -1.00
C ASP C 89 -3.30 7.60 0.51
N ILE C 90 -4.29 6.83 0.97
CA ILE C 90 -4.50 6.65 2.41
C ILE C 90 -3.31 5.96 3.05
N SER C 91 -2.79 4.91 2.37
CA SER C 91 -1.62 4.21 2.90
C SER C 91 -0.42 5.14 2.98
N SER C 92 -0.23 5.98 1.96
CA SER C 92 0.89 6.91 1.96
C SER C 92 0.81 7.88 3.12
N ARG C 93 -0.39 8.42 3.39
CA ARG C 93 -0.55 9.35 4.51
C ARG C 93 -0.37 8.64 5.85
N ALA C 94 -0.88 7.42 5.96
CA ALA C 94 -0.70 6.67 7.20
C ALA C 94 0.77 6.36 7.47
N LEU C 95 1.50 5.96 6.42
CA LEU C 95 2.94 5.73 6.59
C LEU C 95 3.68 7.03 6.88
N ALA C 96 3.20 8.15 6.34
CA ALA C 96 3.81 9.44 6.66
C ALA C 96 3.67 9.76 8.13
N PHE C 97 2.51 9.45 8.72
CA PHE C 97 2.33 9.62 10.15
C PHE C 97 3.27 8.72 10.94
N TRP C 98 3.41 7.46 10.52
CA TRP C 98 4.28 6.54 11.24
C TRP C 98 5.73 6.98 11.18
N THR C 99 6.20 7.40 10.01
CA THR C 99 7.58 7.87 9.89
C THR C 99 7.81 9.12 10.72
N TYR C 100 6.81 10.01 10.78
CA TYR C 100 6.94 11.21 11.61
C TYR C 100 7.09 10.86 13.08
N GLN C 101 6.28 9.91 13.56
CA GLN C 101 6.42 9.47 14.95
C GLN C 101 7.76 8.79 15.18
N VAL C 102 8.21 7.95 14.25
CA VAL C 102 9.50 7.30 14.39
C VAL C 102 10.63 8.33 14.39
N HIS C 103 10.53 9.32 13.51
CA HIS C 103 11.55 10.37 13.46
C HIS C 103 11.60 11.15 14.76
N GLN C 104 10.42 11.45 15.35
CA GLN C 104 10.40 12.17 16.61
C GLN C 104 11.07 11.37 17.72
N GLU C 105 10.76 10.06 17.80
CA GLU C 105 11.39 9.22 18.82
C GLU C 105 12.89 9.13 18.59
N ARG C 106 13.32 8.99 17.34
CA ARG C 106 14.75 8.90 17.04
C ARG C 106 15.47 10.17 17.44
N LEU C 107 14.90 11.34 17.10
CA LEU C 107 15.52 12.60 17.49
C LEU C 107 15.53 12.78 19.00
N TYR C 108 14.45 12.38 19.67
CA TYR C 108 14.39 12.49 21.13
C TYR C 108 15.47 11.63 21.78
N GLN C 109 15.65 10.39 21.29
CA GLN C 109 16.68 9.52 21.85
C GLN C 109 18.08 10.08 21.60
N GLU C 110 18.33 10.62 20.41
CA GLU C 110 19.64 11.19 20.11
C GLU C 110 19.92 12.40 21.00
N TYR C 111 18.91 13.24 21.23
CA TYR C 111 19.08 14.38 22.12
C TYR C 111 19.36 13.92 23.55
N ASN C 112 18.67 12.88 24.01
CA ASN C 112 18.94 12.36 25.34
C ASN C 112 20.35 11.79 25.45
N PHE C 113 20.81 11.11 24.40
CA PHE C 113 22.18 10.59 24.40
C PHE C 113 23.19 11.73 24.46
N SER C 114 22.95 12.80 23.71
CA SER C 114 23.84 13.95 23.75
C SER C 114 23.85 14.59 25.14
N LYS C 115 22.67 14.71 25.76
CA LYS C 115 22.60 15.25 27.12
C LYS C 115 23.33 14.36 28.10
N ALA C 116 23.18 13.04 27.96
CA ALA C 116 23.88 12.10 28.85
C ALA C 116 25.38 12.22 28.70
N GLU C 117 25.88 12.33 27.46
CA GLU C 117 27.31 12.48 27.24
C GLU C 117 27.84 13.77 27.85
N GLY C 118 27.10 14.86 27.71
CA GLY C 118 27.52 16.11 28.31
C GLY C 118 27.52 16.04 29.83
N HIS C 119 26.49 15.43 30.41
CA HIS C 119 26.46 15.22 31.85
C HIS C 119 27.61 14.33 32.31
N LEU C 120 27.91 13.28 31.53
CA LEU C 120 28.99 12.37 31.88
C LEU C 120 30.33 13.10 31.92
N LYS C 121 30.61 13.92 30.90
CA LYS C 121 31.87 14.65 30.87
C LYS C 121 31.94 15.69 31.98
N GLN C 122 30.81 16.31 32.32
CA GLN C 122 30.79 17.24 33.44
C GLN C 122 31.08 16.52 34.75
N MET C 123 30.55 15.31 34.91
CA MET C 123 30.84 14.53 36.12
C MET C 123 32.30 14.15 36.19
N GLU C 124 32.92 13.83 35.04
CA GLU C 124 34.34 13.53 35.02
C GLU C 124 35.17 14.73 35.49
N LYS C 125 34.85 15.95 35.02
CA LYS C 125 35.51 17.17 35.52
C LYS C 125 35.27 17.36 37.01
N ILE C 126 34.03 17.18 37.46
CA ILE C 126 33.70 17.41 38.86
C ILE C 126 34.46 16.42 39.75
N TYR C 127 34.46 15.15 39.38
CA TYR C 127 35.13 14.15 40.20
C TYR C 127 36.64 14.37 40.25
N THR C 128 37.25 14.68 39.10
CA THR C 128 38.69 14.93 39.08
C THR C 128 39.07 16.15 39.91
N GLN C 129 38.27 17.22 39.83
CA GLN C 129 38.53 18.40 40.65
C GLN C 129 38.40 18.10 42.13
N GLN C 130 37.38 17.33 42.50
CA GLN C 130 37.21 16.95 43.90
C GLN C 130 38.32 16.01 44.37
N ILE C 131 38.83 15.16 43.47
CA ILE C 131 39.99 14.35 43.81
C ILE C 131 41.22 15.23 44.01
N GLN C 132 41.43 16.21 43.12
CA GLN C 132 42.54 17.13 43.29
C GLN C 132 42.40 17.92 44.58
N SER C 133 41.17 18.30 44.94
CA SER C 133 40.95 18.98 46.21
C SER C 133 41.35 18.08 47.37
N LYS C 134 40.89 16.83 47.37
CA LYS C 134 41.17 15.93 48.48
C LYS C 134 42.66 15.68 48.65
N ASP C 135 43.42 15.72 47.55
CA ASP C 135 44.86 15.63 47.65
C ASP C 135 45.46 16.84 48.36
N VAL C 136 44.84 18.01 48.20
CA VAL C 136 45.33 19.21 48.86
C VAL C 136 45.13 19.11 50.36
N GLU C 137 43.97 18.63 50.81
CA GLU C 137 43.75 18.46 52.24
C GLU C 137 44.68 17.41 52.82
N LEU C 138 44.98 16.35 52.06
CA LEU C 138 45.95 15.36 52.52
C LEU C 138 47.32 16.00 52.72
N THR C 139 47.75 16.84 51.77
CA THR C 139 49.01 17.56 51.95
C THR C 139 48.95 18.53 53.11
N SER C 140 47.78 19.14 53.33
CA SER C 140 47.63 20.05 54.47
C SER C 140 47.80 19.32 55.79
N MET C 141 47.19 18.14 55.92
CA MET C 141 47.35 17.36 57.14
C MET C 141 48.79 16.87 57.32
N LYS C 142 49.44 16.48 56.21
CA LYS C 142 50.83 16.05 56.29
C LYS C 142 51.72 17.18 56.77
N GLY C 143 51.49 18.39 56.27
CA GLY C 143 52.24 19.54 56.77
C GLY C 143 51.98 19.82 58.23
N GLU C 144 50.73 19.69 58.67
CA GLU C 144 50.41 19.87 60.08
C GLU C 144 51.10 18.81 60.94
N VAL C 145 51.12 17.55 60.47
CA VAL C 145 51.78 16.49 61.22
C VAL C 145 53.27 16.78 61.35
N THR C 146 53.90 17.23 60.25
CA THR C 146 55.32 17.58 60.32
C THR C 146 55.56 18.72 61.30
N SER C 147 54.67 19.72 61.31
CA SER C 147 54.83 20.84 62.24
C SER C 147 54.74 20.36 63.68
N MET C 148 53.79 19.46 63.97
CA MET C 148 53.66 18.94 65.34
C MET C 148 54.91 18.14 65.73
N LYS C 149 55.45 17.35 64.80
CA LYS C 149 56.67 16.61 65.10
C LYS C 149 57.84 17.55 65.38
N LYS C 150 57.97 18.62 64.59
CA LYS C 150 59.06 19.57 64.82
C LYS C 150 58.91 20.26 66.17
N VAL C 151 57.67 20.67 66.52
CA VAL C 151 57.45 21.35 67.79
C VAL C 151 57.78 20.44 68.96
N LEU C 152 57.34 19.17 68.89
CA LEU C 152 57.60 18.23 69.98
C LEU C 152 59.10 17.98 70.16
N GLU C 153 59.83 17.84 69.06
CA GLU C 153 61.28 17.67 69.16
C GLU C 153 61.94 18.91 69.75
N GLU C 154 61.44 20.09 69.40
CA GLU C 154 61.96 21.32 70.00
C GLU C 154 61.76 21.33 71.51
N TYR C 155 60.56 20.95 71.97
CA TYR C 155 60.29 20.92 73.40
C TYR C 155 61.10 19.84 74.10
N LYS C 156 61.30 18.69 73.45
CA LYS C 156 62.13 17.64 74.04
C LYS C 156 63.56 18.12 74.21
N LYS C 157 64.10 18.82 73.22
CA LYS C 157 65.45 19.37 73.35
C LYS C 157 65.51 20.42 74.45
N LYS C 158 64.48 21.25 74.57
CA LYS C 158 64.44 22.24 75.64
C LYS C 158 64.42 21.56 77.00
N PHE C 159 63.59 20.52 77.16
CA PHE C 159 63.54 19.79 78.43
C PHE C 159 64.88 19.14 78.75
N SER C 160 65.52 18.52 77.74
CA SER C 160 66.79 17.85 77.97
C SER C 160 67.87 18.83 78.42
N ASP C 161 67.94 20.01 77.79
CA ASP C 161 68.94 21.00 78.17
C ASP C 161 68.71 21.52 79.58
N ILE C 162 67.45 21.78 79.94
CA ILE C 162 67.15 22.27 81.28
C ILE C 162 67.46 21.21 82.32
N SER C 163 67.19 19.95 82.02
CA SER C 163 67.54 18.86 82.94
C SER C 163 69.05 18.79 83.13
N GLU C 164 69.81 18.96 82.04
CA GLU C 164 71.27 18.98 82.16
C GLU C 164 71.74 20.13 83.02
N LYS C 165 71.11 21.31 82.87
CA LYS C 165 71.45 22.45 83.72
C LYS C 165 71.13 22.14 85.19
N LEU C 166 70.00 21.49 85.44
CA LEU C 166 69.61 21.16 86.81
C LEU C 166 70.63 20.23 87.45
N MET C 167 71.09 19.21 86.71
CA MET C 167 72.05 18.27 87.26
C MET C 167 73.39 18.94 87.53
N GLU C 168 73.80 19.87 86.65
CA GLU C 168 75.02 20.63 86.89
C GLU C 168 74.88 21.52 88.12
N ARG C 169 73.70 22.11 88.33
CA ARG C 169 73.46 22.86 89.56
C ARG C 169 73.53 21.95 90.78
N ASN C 170 73.03 20.71 90.65
CA ASN C 170 73.11 19.76 91.76
C ASN C 170 74.56 19.43 92.11
N ARG C 171 75.40 19.24 91.09
CA ARG C 171 76.80 18.92 91.37
C ARG C 171 77.52 20.12 91.98
N GLN C 172 77.18 21.33 91.56
CA GLN C 172 77.77 22.53 92.16
C GLN C 172 77.37 22.66 93.62
N TYR C 173 76.10 22.37 93.94
CA TYR C 173 75.64 22.42 95.32
C TYR C 173 76.33 21.37 96.18
N GLN C 174 76.53 20.17 95.63
CA GLN C 174 77.26 19.13 96.36
C GLN C 174 78.71 19.55 96.58
N LYS C 175 79.34 20.15 95.58
CA LYS C 175 80.72 20.62 95.75
C LYS C 175 80.80 21.67 96.84
N LEU C 176 79.84 22.60 96.88
CA LEU C 176 79.83 23.63 97.92
C LEU C 176 79.59 23.01 99.29
N GLN C 177 78.79 21.95 99.37
CA GLN C 177 78.62 21.23 100.63
C GLN C 177 79.95 20.65 101.11
N GLY C 178 80.71 20.03 100.20
CA GLY C 178 81.99 19.48 100.57
C GLY C 178 82.99 20.55 101.01
N LEU C 179 83.02 21.68 100.30
CA LEU C 179 83.89 22.77 100.72
C LEU C 179 83.49 23.32 102.07
N TYR C 180 82.18 23.45 102.31
CA TYR C 180 81.70 23.93 103.61
C TYR C 180 82.07 22.95 104.73
N ASP C 181 81.93 21.65 104.47
CA ASP C 181 82.25 20.66 105.49
C ASP C 181 83.74 20.67 105.83
N SER C 182 84.60 20.76 104.80
CA SER C 182 86.04 20.90 105.06
C SER C 182 86.33 22.22 105.76
N LEU C 183 85.62 23.28 105.40
CA LEU C 183 85.79 24.56 106.08
C LEU C 183 85.41 24.46 107.54
N ARG C 184 84.32 23.73 107.84
CA ARG C 184 83.93 23.51 109.23
C ARG C 184 84.95 22.68 109.98
N LEU C 185 85.51 21.66 109.32
CA LEU C 185 86.52 20.81 109.96
C LEU C 185 87.77 21.59 110.31
N ARG C 186 88.08 22.63 109.54
CA ARG C 186 89.26 23.45 109.82
C ARG C 186 89.14 24.13 111.18
N ASN C 187 87.96 24.62 111.52
CA ASN C 187 87.73 25.27 112.80
C ASN C 187 86.63 24.58 113.58
N MET D 9 -17.33 4.46 -11.08
CA MET D 9 -16.55 3.43 -11.76
C MET D 9 -17.11 2.05 -11.42
N LEU D 10 -17.41 1.82 -10.15
CA LEU D 10 -18.04 0.57 -9.74
C LEU D 10 -19.52 0.57 -10.07
N LEU D 11 -20.11 -0.62 -10.06
CA LEU D 11 -21.52 -0.80 -10.39
C LEU D 11 -22.21 -1.58 -9.28
N CYS D 12 -23.50 -1.29 -9.09
CA CYS D 12 -24.29 -2.03 -8.12
C CYS D 12 -24.34 -3.50 -8.50
N ASN D 13 -24.09 -4.38 -7.53
CA ASN D 13 -24.06 -5.82 -7.79
C ASN D 13 -25.45 -6.43 -7.89
N TYR D 14 -26.50 -5.65 -7.67
CA TYR D 14 -27.84 -6.10 -7.99
C TYR D 14 -28.00 -6.15 -9.50
N ARG D 15 -28.48 -7.30 -10.00
CA ARG D 15 -28.46 -7.53 -11.45
C ARG D 15 -29.35 -6.56 -12.21
N LYS D 16 -30.46 -6.14 -11.61
CA LYS D 16 -31.39 -5.24 -12.28
C LYS D 16 -31.06 -3.76 -12.08
N CYS D 17 -29.97 -3.44 -11.38
CA CYS D 17 -29.58 -2.06 -11.15
C CYS D 17 -28.32 -1.67 -11.92
N ARG D 18 -27.21 -2.36 -11.65
CA ARG D 18 -25.92 -2.18 -12.35
C ARG D 18 -25.66 -0.71 -12.70
N ILE D 19 -25.88 0.17 -11.73
CA ILE D 19 -25.73 1.61 -11.92
C ILE D 19 -24.36 2.04 -11.39
N LYS D 20 -23.79 3.06 -12.02
CA LYS D 20 -22.51 3.58 -11.58
C LYS D 20 -22.63 4.11 -10.15
N LEU D 21 -21.70 3.69 -9.30
CA LEU D 21 -21.76 3.99 -7.87
C LEU D 21 -20.86 5.18 -7.56
N SER D 22 -21.46 6.22 -6.99
CA SER D 22 -20.73 7.41 -6.56
C SER D 22 -21.28 7.85 -5.20
N GLY D 23 -20.42 8.49 -4.41
CA GLY D 23 -20.83 8.92 -3.10
C GLY D 23 -20.90 7.79 -2.10
N TYR D 24 -22.10 7.43 -1.66
CA TYR D 24 -22.30 6.40 -0.66
C TYR D 24 -22.68 5.08 -1.30
N ALA D 25 -22.12 3.99 -0.79
CA ALA D 25 -22.44 2.64 -1.23
C ALA D 25 -22.41 1.71 -0.02
N TRP D 26 -23.01 0.54 -0.19
CA TRP D 26 -23.07 -0.48 0.86
C TRP D 26 -22.19 -1.65 0.46
N VAL D 27 -21.18 -1.94 1.26
CA VAL D 27 -20.21 -2.98 0.99
C VAL D 27 -20.41 -4.13 1.97
N THR D 28 -20.22 -5.35 1.49
CA THR D 28 -20.43 -6.55 2.30
C THR D 28 -19.11 -7.28 2.51
N ALA D 29 -19.08 -8.06 3.59
CA ALA D 29 -17.91 -8.90 3.87
C ALA D 29 -17.72 -9.99 2.84
N CYS D 30 -18.76 -10.36 2.10
CA CYS D 30 -18.68 -11.35 1.05
C CYS D 30 -18.24 -10.76 -0.29
N SER D 31 -17.61 -9.58 -0.27
CA SER D 31 -17.02 -8.96 -1.46
C SER D 31 -18.09 -8.59 -2.48
N HIS D 32 -19.07 -7.81 -2.04
CA HIS D 32 -20.09 -7.26 -2.93
C HIS D 32 -20.38 -5.82 -2.53
N ILE D 33 -20.84 -5.04 -3.49
CA ILE D 33 -21.15 -3.63 -3.29
C ILE D 33 -22.48 -3.32 -3.97
N PHE D 34 -23.30 -2.50 -3.32
CA PHE D 34 -24.61 -2.16 -3.84
C PHE D 34 -24.84 -0.66 -3.69
N CYS D 35 -25.77 -0.14 -4.49
CA CYS D 35 -26.09 1.28 -4.45
C CYS D 35 -26.72 1.65 -3.10
N ASP D 36 -26.91 2.95 -2.90
CA ASP D 36 -27.48 3.43 -1.64
C ASP D 36 -28.92 2.95 -1.47
N GLN D 37 -29.71 2.97 -2.56
CA GLN D 37 -31.11 2.60 -2.47
C GLN D 37 -31.28 1.12 -2.16
N HIS D 38 -30.59 0.25 -2.93
CA HIS D 38 -30.71 -1.18 -2.70
C HIS D 38 -30.03 -1.61 -1.41
N GLY D 39 -28.91 -0.97 -1.06
CA GLY D 39 -28.24 -1.31 0.18
C GLY D 39 -29.06 -0.96 1.41
N SER D 40 -29.67 0.22 1.40
CA SER D 40 -30.52 0.63 2.53
C SER D 40 -31.72 -0.30 2.67
N GLY D 41 -32.35 -0.64 1.55
CA GLY D 41 -33.52 -1.50 1.62
C GLY D 41 -33.19 -2.91 2.09
N GLU D 42 -32.09 -3.47 1.58
CA GLU D 42 -31.75 -4.85 1.91
C GLU D 42 -31.18 -4.97 3.32
N PHE D 43 -30.36 -4.02 3.74
CA PHE D 43 -29.63 -4.14 5.01
C PHE D 43 -30.30 -3.35 6.14
N SER D 44 -31.61 -3.17 6.07
CA SER D 44 -32.41 -2.77 7.22
C SER D 44 -33.23 -3.95 7.74
N ARG D 45 -33.16 -5.10 7.09
CA ARG D 45 -33.89 -6.28 7.53
C ARG D 45 -33.10 -7.02 8.60
N SER D 46 -33.81 -7.54 9.60
CA SER D 46 -33.20 -8.53 10.48
C SER D 46 -32.82 -9.79 9.71
N PRO D 47 -33.69 -10.37 8.86
CA PRO D 47 -33.20 -11.38 7.90
C PRO D 47 -32.67 -10.74 6.62
N ALA D 48 -31.44 -10.24 6.68
CA ALA D 48 -30.82 -9.52 5.57
C ALA D 48 -29.94 -10.50 4.78
N ILE D 49 -30.24 -10.65 3.50
CA ILE D 49 -29.55 -11.58 2.61
C ILE D 49 -28.93 -10.77 1.49
N CYS D 50 -27.67 -11.03 1.20
CA CYS D 50 -26.98 -10.36 0.09
C CYS D 50 -27.65 -10.75 -1.22
N PRO D 51 -28.18 -9.80 -1.99
CA PRO D 51 -28.88 -10.16 -3.24
C PRO D 51 -27.97 -10.73 -4.31
N ALA D 52 -26.66 -10.56 -4.21
CA ALA D 52 -25.76 -11.03 -5.25
C ALA D 52 -25.48 -12.53 -5.12
N CYS D 53 -24.99 -12.96 -3.97
CA CYS D 53 -24.61 -14.35 -3.75
C CYS D 53 -25.53 -15.08 -2.79
N ASN D 54 -26.60 -14.44 -2.32
CA ASN D 54 -27.57 -15.04 -1.41
C ASN D 54 -26.94 -15.53 -0.12
N SER D 55 -25.78 -15.00 0.25
CA SER D 55 -25.14 -15.39 1.49
C SER D 55 -25.90 -14.82 2.68
N THR D 56 -25.96 -15.59 3.76
CA THR D 56 -26.63 -15.16 4.99
C THR D 56 -25.64 -14.35 5.80
N LEU D 57 -25.82 -13.04 5.80
CA LEU D 57 -24.98 -12.13 6.58
C LEU D 57 -25.62 -11.89 7.94
N SER D 58 -24.80 -11.93 8.99
CA SER D 58 -25.31 -11.76 10.35
C SER D 58 -24.47 -10.78 11.17
N GLY D 59 -23.19 -10.66 10.82
CA GLY D 59 -22.28 -9.87 11.63
C GLY D 59 -22.46 -8.38 11.45
N LYS D 60 -21.81 -7.63 12.34
CA LYS D 60 -21.86 -6.17 12.26
C LYS D 60 -21.04 -5.66 11.08
N LEU D 61 -19.76 -6.03 11.04
CA LEU D 61 -18.85 -5.53 10.02
C LEU D 61 -19.04 -6.20 8.67
N ASP D 62 -19.98 -7.16 8.57
CA ASP D 62 -20.38 -7.67 7.28
C ASP D 62 -21.13 -6.64 6.45
N ILE D 63 -21.51 -5.52 7.04
CA ILE D 63 -22.26 -4.47 6.38
C ILE D 63 -21.63 -3.12 6.73
N VAL D 64 -21.24 -2.37 5.72
CA VAL D 64 -20.67 -1.04 5.89
C VAL D 64 -21.26 -0.12 4.84
N ARG D 65 -21.67 1.07 5.25
CA ARG D 65 -22.07 2.14 4.33
C ARG D 65 -20.86 3.07 4.18
N THR D 66 -20.18 2.97 3.04
CA THR D 66 -18.91 3.65 2.83
C THR D 66 -19.07 4.76 1.81
N GLU D 67 -18.36 5.86 2.02
CA GLU D 67 -18.31 6.94 1.06
C GLU D 67 -17.24 6.65 0.02
N LEU D 68 -17.61 6.69 -1.25
CA LEU D 68 -16.69 6.40 -2.34
C LEU D 68 -15.83 7.59 -2.70
N SER D 69 -16.12 8.77 -2.18
CA SER D 69 -15.34 9.99 -2.42
C SER D 69 -14.97 10.60 -1.08
N PRO D 70 -14.08 9.95 -0.33
CA PRO D 70 -13.78 10.42 1.02
C PRO D 70 -13.04 11.75 1.01
N SER D 71 -13.22 12.51 2.08
CA SER D 71 -12.53 13.78 2.21
C SER D 71 -11.04 13.55 2.44
N GLU D 72 -10.25 14.61 2.21
CA GLU D 72 -8.81 14.53 2.42
C GLU D 72 -8.48 14.26 3.87
N GLU D 73 -9.21 14.88 4.79
CA GLU D 73 -8.98 14.67 6.21
C GLU D 73 -9.27 13.23 6.62
N TYR D 74 -10.34 12.65 6.10
CA TYR D 74 -10.65 11.25 6.39
C TYR D 74 -9.54 10.33 5.89
N LYS D 75 -9.04 10.58 4.67
CA LYS D 75 -7.99 9.73 4.12
C LYS D 75 -6.72 9.82 4.96
N ALA D 76 -6.40 11.02 5.46
CA ALA D 76 -5.19 11.20 6.24
C ALA D 76 -5.30 10.68 7.67
N MET D 77 -6.53 10.46 8.17
CA MET D 77 -6.73 10.13 9.57
C MET D 77 -7.34 8.75 9.81
N VAL D 78 -7.94 8.12 8.81
CA VAL D 78 -8.64 6.86 9.04
C VAL D 78 -7.65 5.77 9.47
N LEU D 79 -6.49 5.70 8.80
CA LEU D 79 -5.50 4.68 9.13
C LEU D 79 -4.33 5.24 9.93
N ALA D 80 -4.39 6.50 10.34
CA ALA D 80 -3.30 7.10 11.09
C ALA D 80 -3.14 6.41 12.44
N GLY D 81 -1.89 6.11 12.80
CA GLY D 81 -1.57 5.46 14.05
C GLY D 81 -1.35 3.96 13.94
N LEU D 82 -1.81 3.34 12.87
CA LEU D 82 -1.62 1.91 12.70
C LEU D 82 -0.20 1.61 12.23
N ARG D 83 0.26 0.39 12.56
CA ARG D 83 1.58 -0.05 12.13
C ARG D 83 1.59 -0.28 10.61
N PRO D 84 2.76 -0.17 9.98
CA PRO D 84 2.83 -0.39 8.52
C PRO D 84 2.34 -1.76 8.09
N GLU D 85 2.57 -2.80 8.90
CA GLU D 85 2.05 -4.13 8.57
C GLU D 85 0.52 -4.13 8.55
N ILE D 86 -0.10 -3.44 9.50
CA ILE D 86 -1.55 -3.36 9.54
C ILE D 86 -2.08 -2.63 8.32
N VAL D 87 -1.45 -1.51 7.97
CA VAL D 87 -1.88 -0.75 6.79
C VAL D 87 -1.72 -1.58 5.52
N LEU D 88 -0.62 -2.33 5.43
CA LEU D 88 -0.42 -3.20 4.27
C LEU D 88 -1.48 -4.27 4.19
N ASP D 89 -1.87 -4.85 5.33
CA ASP D 89 -2.92 -5.85 5.35
C ASP D 89 -4.25 -5.24 4.90
N ILE D 90 -4.57 -4.04 5.40
CA ILE D 90 -5.80 -3.37 4.99
C ILE D 90 -5.78 -3.08 3.49
N SER D 91 -4.64 -2.59 2.99
CA SER D 91 -4.52 -2.29 1.56
C SER D 91 -4.66 -3.56 0.74
N SER D 92 -4.11 -4.68 1.22
CA SER D 92 -4.23 -5.94 0.49
C SER D 92 -5.68 -6.38 0.39
N ARG D 93 -6.45 -6.26 1.47
CA ARG D 93 -7.85 -6.67 1.44
C ARG D 93 -8.69 -5.73 0.59
N ALA D 94 -8.42 -4.43 0.64
CA ALA D 94 -9.14 -3.49 -0.20
C ALA D 94 -8.87 -3.74 -1.68
N LEU D 95 -7.60 -4.00 -2.03
CA LEU D 95 -7.28 -4.35 -3.42
C LEU D 95 -7.87 -5.69 -3.80
N ALA D 96 -7.95 -6.62 -2.85
CA ALA D 96 -8.60 -7.90 -3.13
C ALA D 96 -10.08 -7.70 -3.46
N PHE D 97 -10.75 -6.80 -2.74
CA PHE D 97 -12.14 -6.48 -3.06
C PHE D 97 -12.27 -5.88 -4.45
N TRP D 98 -11.39 -4.94 -4.79
CA TRP D 98 -11.47 -4.28 -6.10
C TRP D 98 -11.23 -5.28 -7.23
N THR D 99 -10.24 -6.16 -7.08
CA THR D 99 -9.96 -7.13 -8.12
C THR D 99 -11.12 -8.10 -8.29
N TYR D 100 -11.77 -8.49 -7.20
CA TYR D 100 -12.94 -9.37 -7.31
C TYR D 100 -14.07 -8.70 -8.07
N GLN D 101 -14.33 -7.43 -7.79
CA GLN D 101 -15.37 -6.70 -8.52
C GLN D 101 -15.01 -6.59 -10.00
N VAL D 102 -13.74 -6.30 -10.30
CA VAL D 102 -13.31 -6.22 -11.69
C VAL D 102 -13.45 -7.56 -12.39
N HIS D 103 -13.04 -8.64 -11.71
CA HIS D 103 -13.13 -9.97 -12.31
C HIS D 103 -14.58 -10.36 -12.57
N GLN D 104 -15.47 -10.11 -11.62
CA GLN D 104 -16.89 -10.44 -11.82
C GLN D 104 -17.48 -9.60 -12.94
N GLU D 105 -17.11 -8.31 -13.02
CA GLU D 105 -17.58 -7.48 -14.12
C GLU D 105 -17.06 -8.01 -15.46
N ARG D 106 -15.79 -8.43 -15.49
CA ARG D 106 -15.23 -8.98 -16.72
C ARG D 106 -15.94 -10.24 -17.16
N LEU D 107 -16.24 -11.13 -16.20
CA LEU D 107 -16.97 -12.35 -16.52
C LEU D 107 -18.38 -12.04 -17.02
N TYR D 108 -19.04 -11.06 -16.40
CA TYR D 108 -20.38 -10.68 -16.84
C TYR D 108 -20.36 -10.13 -18.26
N GLN D 109 -19.36 -9.30 -18.58
CA GLN D 109 -19.27 -8.74 -19.93
C GLN D 109 -18.99 -9.84 -20.96
N GLU D 110 -18.11 -10.79 -20.63
CA GLU D 110 -17.83 -11.89 -21.56
C GLU D 110 -19.07 -12.75 -21.77
N TYR D 111 -19.83 -13.01 -20.70
CA TYR D 111 -21.06 -13.79 -20.84
C TYR D 111 -22.08 -13.08 -21.72
N ASN D 112 -22.24 -11.76 -21.52
CA ASN D 112 -23.18 -11.00 -22.33
C ASN D 112 -22.75 -10.97 -23.80
N PHE D 113 -21.45 -10.83 -24.06
CA PHE D 113 -20.97 -10.85 -25.43
C PHE D 113 -21.25 -12.20 -26.10
N SER D 114 -21.05 -13.29 -25.35
CA SER D 114 -21.36 -14.62 -25.88
C SER D 114 -22.86 -14.75 -26.16
N LYS D 115 -23.69 -14.23 -25.25
CA LYS D 115 -25.14 -14.25 -25.47
C LYS D 115 -25.52 -13.41 -26.68
N ALA D 116 -24.88 -12.23 -26.83
CA ALA D 116 -25.18 -11.38 -27.97
C ALA D 116 -24.80 -12.05 -29.29
N GLU D 117 -23.65 -12.72 -29.32
CA GLU D 117 -23.24 -13.43 -30.53
C GLU D 117 -24.21 -14.55 -30.87
N GLY D 118 -24.66 -15.30 -29.85
CA GLY D 118 -25.62 -16.35 -30.10
C GLY D 118 -26.96 -15.81 -30.58
N HIS D 119 -27.44 -14.74 -29.96
CA HIS D 119 -28.68 -14.13 -30.40
C HIS D 119 -28.56 -13.58 -31.82
N LEU D 120 -27.41 -12.98 -32.13
CA LEU D 120 -27.20 -12.44 -33.48
C LEU D 120 -27.26 -13.56 -34.53
N LYS D 121 -26.60 -14.68 -34.25
CA LYS D 121 -26.65 -15.82 -35.18
C LYS D 121 -28.04 -16.38 -35.29
N GLN D 122 -28.78 -16.43 -34.18
CA GLN D 122 -30.17 -16.89 -34.23
C GLN D 122 -31.03 -15.96 -35.09
N MET D 123 -30.82 -14.65 -34.97
CA MET D 123 -31.57 -13.71 -35.78
C MET D 123 -31.24 -13.85 -37.27
N GLU D 124 -29.96 -14.11 -37.59
CA GLU D 124 -29.61 -14.38 -38.98
C GLU D 124 -30.32 -15.63 -39.50
N LYS D 125 -30.38 -16.71 -38.70
CA LYS D 125 -31.14 -17.92 -39.09
C LYS D 125 -32.63 -17.61 -39.27
N ILE D 126 -33.21 -16.85 -38.34
CA ILE D 126 -34.63 -16.52 -38.44
C ILE D 126 -34.90 -15.66 -39.66
N TYR D 127 -34.04 -14.67 -39.92
CA TYR D 127 -34.26 -13.78 -41.05
C TYR D 127 -34.17 -14.55 -42.37
N THR D 128 -33.21 -15.48 -42.49
CA THR D 128 -33.10 -16.27 -43.70
C THR D 128 -34.32 -17.16 -43.90
N GLN D 129 -34.84 -17.72 -42.81
CA GLN D 129 -36.06 -18.53 -42.91
C GLN D 129 -37.24 -17.69 -43.39
N GLN D 130 -37.35 -16.47 -42.87
CA GLN D 130 -38.43 -15.59 -43.31
C GLN D 130 -38.28 -15.21 -44.78
N ILE D 131 -37.04 -15.00 -45.23
CA ILE D 131 -36.80 -14.77 -46.65
C ILE D 131 -37.17 -16.00 -47.48
N GLN D 132 -36.85 -17.19 -46.96
CA GLN D 132 -37.21 -18.42 -47.65
C GLN D 132 -38.72 -18.53 -47.80
N SER D 133 -39.47 -18.14 -46.77
CA SER D 133 -40.93 -18.16 -46.86
C SER D 133 -41.43 -17.23 -47.95
N LYS D 134 -40.88 -16.01 -48.03
CA LYS D 134 -41.32 -15.06 -49.04
C LYS D 134 -40.97 -15.54 -50.45
N ASP D 135 -39.83 -16.20 -50.61
CA ASP D 135 -39.48 -16.79 -51.90
C ASP D 135 -40.48 -17.86 -52.31
N VAL D 136 -40.95 -18.65 -51.33
CA VAL D 136 -41.98 -19.65 -51.62
C VAL D 136 -43.28 -18.97 -52.06
N GLU D 137 -43.65 -17.88 -51.37
CA GLU D 137 -44.85 -17.14 -51.78
C GLU D 137 -44.68 -16.54 -53.18
N LEU D 138 -43.48 -16.07 -53.50
CA LEU D 138 -43.23 -15.55 -54.84
C LEU D 138 -43.40 -16.63 -55.89
N THR D 139 -42.89 -17.83 -55.62
CA THR D 139 -43.06 -18.94 -56.56
C THR D 139 -44.52 -19.33 -56.67
N SER D 140 -45.26 -19.27 -55.57
CA SER D 140 -46.70 -19.56 -55.61
C SER D 140 -47.43 -18.58 -56.52
N MET D 141 -47.09 -17.29 -56.42
CA MET D 141 -47.69 -16.30 -57.31
C MET D 141 -47.28 -16.53 -58.76
N LYS D 142 -46.01 -16.94 -58.98
CA LYS D 142 -45.57 -17.28 -60.33
C LYS D 142 -46.39 -18.43 -60.90
N GLY D 143 -46.66 -19.45 -60.08
CA GLY D 143 -47.46 -20.58 -60.54
C GLY D 143 -48.88 -20.18 -60.91
N GLU D 144 -49.50 -19.33 -60.09
CA GLU D 144 -50.87 -18.90 -60.37
C GLU D 144 -50.93 -17.97 -61.58
N VAL D 145 -49.89 -17.14 -61.76
CA VAL D 145 -49.83 -16.29 -62.95
C VAL D 145 -49.73 -17.14 -64.21
N THR D 146 -48.92 -18.21 -64.16
CA THR D 146 -48.86 -19.13 -65.29
C THR D 146 -50.20 -19.81 -65.50
N SER D 147 -50.88 -20.18 -64.42
CA SER D 147 -52.20 -20.80 -64.55
C SER D 147 -53.20 -19.83 -65.20
N MET D 148 -53.16 -18.56 -64.81
CA MET D 148 -54.07 -17.58 -65.40
C MET D 148 -53.82 -17.42 -66.90
N LYS D 149 -52.55 -17.39 -67.30
CA LYS D 149 -52.22 -17.27 -68.73
C LYS D 149 -52.65 -18.50 -69.50
N LYS D 150 -52.42 -19.70 -68.94
CA LYS D 150 -52.87 -20.92 -69.60
C LYS D 150 -54.38 -20.95 -69.71
N VAL D 151 -55.09 -20.58 -68.65
CA VAL D 151 -56.55 -20.52 -68.69
C VAL D 151 -57.01 -19.47 -69.70
N LEU D 152 -56.34 -18.31 -69.72
CA LEU D 152 -56.70 -17.26 -70.66
C LEU D 152 -56.60 -17.75 -72.11
N GLU D 153 -55.46 -18.36 -72.46
CA GLU D 153 -55.26 -18.78 -73.84
C GLU D 153 -56.21 -19.92 -74.22
N GLU D 154 -56.32 -20.93 -73.35
CA GLU D 154 -57.17 -22.08 -73.67
C GLU D 154 -58.62 -21.65 -73.84
N TYR D 155 -59.13 -20.83 -72.92
CA TYR D 155 -60.54 -20.46 -72.98
C TYR D 155 -60.83 -19.55 -74.16
N LYS D 156 -59.96 -18.56 -74.42
CA LYS D 156 -60.21 -17.64 -75.52
C LYS D 156 -60.07 -18.32 -76.87
N LYS D 157 -59.11 -19.25 -77.01
CA LYS D 157 -58.94 -19.98 -78.26
C LYS D 157 -60.13 -20.89 -78.53
N LYS D 158 -60.61 -21.61 -77.50
CA LYS D 158 -61.83 -22.40 -77.65
C LYS D 158 -63.03 -21.50 -77.91
N PHE D 159 -63.10 -20.36 -77.23
CA PHE D 159 -64.17 -19.39 -77.46
C PHE D 159 -64.13 -18.86 -78.89
N SER D 160 -62.94 -18.54 -79.38
CA SER D 160 -62.82 -18.06 -80.76
C SER D 160 -63.19 -19.15 -81.76
N ASP D 161 -62.78 -20.40 -81.50
CA ASP D 161 -63.11 -21.48 -82.41
C ASP D 161 -64.62 -21.71 -82.48
N ILE D 162 -65.31 -21.64 -81.34
CA ILE D 162 -66.76 -21.77 -81.33
C ILE D 162 -67.41 -20.63 -82.10
N SER D 163 -66.87 -19.42 -81.95
CA SER D 163 -67.38 -18.29 -82.73
C SER D 163 -67.18 -18.52 -84.23
N GLU D 164 -66.02 -19.08 -84.61
CA GLU D 164 -65.79 -19.39 -86.02
C GLU D 164 -66.77 -20.43 -86.52
N LYS D 165 -67.06 -21.45 -85.71
CA LYS D 165 -68.06 -22.44 -86.09
C LYS D 165 -69.44 -21.80 -86.24
N LEU D 166 -69.77 -20.85 -85.37
CA LEU D 166 -71.03 -20.14 -85.48
C LEU D 166 -71.13 -19.39 -86.81
N MET D 167 -70.06 -18.69 -87.21
CA MET D 167 -70.08 -17.96 -88.46
C MET D 167 -70.18 -18.90 -89.65
N GLU D 168 -69.50 -20.05 -89.60
CA GLU D 168 -69.63 -21.04 -90.67
C GLU D 168 -71.05 -21.59 -90.74
N ARG D 169 -71.66 -21.85 -89.58
CA ARG D 169 -73.04 -22.32 -89.57
C ARG D 169 -73.99 -21.25 -90.13
N ASN D 170 -73.72 -19.98 -89.82
CA ASN D 170 -74.53 -18.90 -90.38
C ASN D 170 -74.43 -18.83 -91.89
N ARG D 171 -73.21 -18.97 -92.43
CA ARG D 171 -73.05 -18.94 -93.88
C ARG D 171 -73.70 -20.15 -94.54
N GLN D 172 -73.68 -21.30 -93.86
CA GLN D 172 -74.39 -22.47 -94.37
C GLN D 172 -75.90 -22.26 -94.34
N TYR D 173 -76.39 -21.55 -93.31
CA TYR D 173 -77.80 -21.20 -93.28
C TYR D 173 -78.16 -20.29 -94.45
N GLN D 174 -77.28 -19.34 -94.78
CA GLN D 174 -77.49 -18.50 -95.96
C GLN D 174 -77.49 -19.34 -97.23
N LYS D 175 -76.62 -20.34 -97.30
CA LYS D 175 -76.59 -21.21 -98.48
C LYS D 175 -77.90 -21.97 -98.61
N LEU D 176 -78.40 -22.54 -97.52
CA LEU D 176 -79.67 -23.26 -97.58
C LEU D 176 -80.81 -22.30 -97.91
N GLN D 177 -80.75 -21.07 -97.39
CA GLN D 177 -81.76 -20.08 -97.72
C GLN D 177 -81.75 -19.76 -99.21
N GLY D 178 -80.57 -19.63 -99.80
CA GLY D 178 -80.50 -19.40 -101.24
C GLY D 178 -81.03 -20.57 -102.05
N LEU D 179 -80.72 -21.79 -101.63
CA LEU D 179 -81.25 -22.96 -102.32
C LEU D 179 -82.77 -23.05 -102.19
N TYR D 180 -83.29 -22.69 -101.01
CA TYR D 180 -84.74 -22.64 -100.83
C TYR D 180 -85.36 -21.59 -101.75
N ASP D 181 -84.70 -20.45 -101.90
CA ASP D 181 -85.20 -19.43 -102.82
C ASP D 181 -85.23 -19.94 -104.26
N SER D 182 -84.18 -20.67 -104.66
CA SER D 182 -84.16 -21.25 -106.00
C SER D 182 -85.26 -22.28 -106.16
N LEU D 183 -85.50 -23.09 -105.13
CA LEU D 183 -86.61 -24.05 -105.18
C LEU D 183 -87.94 -23.33 -105.29
N ARG D 184 -88.09 -22.20 -104.60
CA ARG D 184 -89.28 -21.37 -104.75
C ARG D 184 -89.37 -20.80 -106.16
N LEU D 185 -88.23 -20.45 -106.76
CA LEU D 185 -88.24 -19.85 -108.09
C LEU D 185 -88.80 -20.80 -109.13
N ARG D 186 -88.45 -22.09 -109.04
CA ARG D 186 -88.85 -23.05 -110.07
C ARG D 186 -90.37 -23.25 -110.10
N ASN D 187 -91.00 -23.38 -108.94
CA ASN D 187 -92.45 -23.58 -108.89
C ASN D 187 -93.19 -22.28 -109.22
ZN ZN E . 1.64 -11.34 -29.24
ZN ZN F . 2.95 1.85 -26.66
ZN ZN G . 30.89 -0.34 5.71
ZN ZN H . 23.11 -11.05 7.72
ZN ZN I . 0.37 18.41 17.36
ZN ZN J . -0.24 9.70 27.99
ZN ZN K . -22.51 -11.26 -1.32
ZN ZN L . -28.87 -0.95 -6.96
#